data_9FYF
#
_entry.id   9FYF
#
_cell.length_a   127.184
_cell.length_b   127.184
_cell.length_c   124.026
_cell.angle_alpha   90.00
_cell.angle_beta   90.00
_cell.angle_gamma   90.00
#
_symmetry.space_group_name_H-M   'P 43 21 2'
#
loop_
_entity.id
_entity.type
_entity.pdbx_description
1 polymer 'Casein kinase II subunit alpha'
2 non-polymer 'SULFATE ION'
3 non-polymer ~{N}-[5-[[3-cyano-7-(cyclopropylamino)pyrazolo[1,5-a]pyrimidin-5-yl]amino]-4-fluoranyl-2-[(3~{S})-3-(methylamino)piperidin-1-yl]phenyl]propanamide
4 water water
#
_entity_poly.entity_id   1
_entity_poly.type   'polypeptide(L)'
_entity_poly.pdbx_seq_one_letter_code
;SMSGPVPSRARVYTDVNTHRPREYWDYESHVVEWGNQDDYQLVRKLGRGKYSEVFEAINITNNEKVVVKILKPVKKKKIK
REIKILENLRGGPNIITLADIVKDPVSRTPALVFEHVNNTDFKQLYQTLTDYDIRFYMYEILKALDYCHSMGIMHRDVKP
HNVMIDHEHRKLRLIDWGLAEFYHPGQEYNVRVASRYFKGPELLVDYQMYDYSLDMWSLGCMLASMIFRKEPFFHGHDNY
DQLVRIAKVLGTEDLYDYIDKYNIELDPRFNDILGRHSRKRWERFVHSENQHLVSPEALDFLDKLLRYDHQSRLTAREAM
EHPYFYTVVKDQARMGSS
;
_entity_poly.pdbx_strand_id   B,A
#
loop_
_chem_comp.id
_chem_comp.type
_chem_comp.name
_chem_comp.formula
A1IG6 non-polymer ~{N}-[5-[[3-cyano-7-(cyclopropylamino)pyrazolo[1,5-a]pyrimidin-5-yl]amino]-4-fluoranyl-2-[(3~{S})-3-(methylamino)piperidin-1-yl]phenyl]propanamide 'C25 H30 F N9 O'
SO4 non-polymer 'SULFATE ION' 'O4 S -2'
#
# COMPACT_ATOMS: atom_id res chain seq x y z
N GLY A 4 -35.93 4.06 2.13
CA GLY A 4 -35.29 4.18 0.81
C GLY A 4 -33.76 4.19 0.91
N PRO A 5 -33.04 4.52 -0.19
CA PRO A 5 -31.58 4.69 -0.13
C PRO A 5 -31.20 6.01 0.52
N VAL A 6 -30.05 6.01 1.19
CA VAL A 6 -29.54 7.19 1.86
C VAL A 6 -29.03 8.14 0.78
N PRO A 7 -29.34 9.45 0.86
CA PRO A 7 -28.88 10.42 -0.14
C PRO A 7 -27.38 10.66 -0.05
N SER A 8 -26.83 11.30 -1.08
CA SER A 8 -25.40 11.56 -1.19
C SER A 8 -25.17 12.83 -2.01
N ARG A 9 -24.14 13.59 -1.62
CA ARG A 9 -23.70 14.77 -2.34
C ARG A 9 -22.25 14.56 -2.73
N ALA A 10 -21.79 15.20 -3.81
CA ALA A 10 -20.36 15.19 -4.13
C ALA A 10 -19.57 15.89 -3.02
N ARG A 11 -18.38 15.37 -2.72
CA ARG A 11 -17.50 16.00 -1.75
C ARG A 11 -16.91 17.30 -2.27
N VAL A 12 -16.78 17.46 -3.59
CA VAL A 12 -16.24 18.68 -4.18
C VAL A 12 -17.09 19.08 -5.38
N TYR A 13 -16.96 20.36 -5.74
CA TYR A 13 -17.62 20.94 -6.90
C TYR A 13 -19.11 20.69 -6.76
N THR A 14 -19.58 20.67 -5.52
CA THR A 14 -20.91 20.20 -5.20
C THR A 14 -21.98 21.07 -5.84
N ASP A 15 -21.84 22.40 -5.75
CA ASP A 15 -22.93 23.34 -6.03
C ASP A 15 -22.56 24.26 -7.17
N VAL A 16 -21.64 23.80 -8.00
CA VAL A 16 -20.98 24.67 -8.97
C VAL A 16 -21.99 25.13 -10.03
N ASN A 17 -22.87 24.21 -10.45
CA ASN A 17 -23.85 24.48 -11.49
C ASN A 17 -24.99 25.34 -10.96
N THR A 18 -25.29 25.22 -9.66
CA THR A 18 -26.31 26.04 -9.02
C THR A 18 -25.93 27.51 -9.05
N HIS A 19 -24.63 27.82 -9.02
CA HIS A 19 -24.18 29.20 -8.92
C HIS A 19 -23.93 29.79 -10.30
N ARG A 20 -24.27 29.02 -11.35
CA ARG A 20 -24.13 29.47 -12.72
C ARG A 20 -25.42 30.09 -13.21
N PRO A 21 -25.40 30.81 -14.34
CA PRO A 21 -26.62 31.13 -15.06
C PRO A 21 -27.34 29.85 -15.50
N ARG A 22 -28.66 29.85 -15.40
CA ARG A 22 -29.50 28.75 -15.86
C ARG A 22 -29.01 28.19 -17.20
N GLU A 23 -28.75 29.05 -18.20
CA GLU A 23 -28.41 28.60 -19.55
C GLU A 23 -27.19 27.70 -19.55
N TYR A 24 -26.34 27.80 -18.52
CA TYR A 24 -25.13 27.00 -18.48
C TYR A 24 -25.47 25.52 -18.48
N TRP A 25 -26.46 25.12 -17.65
CA TRP A 25 -26.75 23.70 -17.46
C TRP A 25 -28.11 23.30 -18.03
N ASP A 26 -29.02 24.26 -18.24
CA ASP A 26 -30.34 23.95 -18.73
C ASP A 26 -30.28 23.80 -20.26
N TYR A 27 -29.73 22.67 -20.71
CA TYR A 27 -29.28 22.53 -22.10
C TYR A 27 -30.48 22.43 -23.05
N GLU A 28 -31.62 21.92 -22.57
CA GLU A 28 -32.78 21.84 -23.44
C GLU A 28 -33.11 23.21 -24.05
N SER A 29 -32.66 24.31 -23.42
CA SER A 29 -32.91 25.67 -23.88
C SER A 29 -31.94 26.07 -24.98
N HIS A 30 -30.85 25.31 -25.14
CA HIS A 30 -29.79 25.70 -26.04
C HIS A 30 -30.31 25.66 -27.47
N VAL A 31 -30.27 26.82 -28.14
CA VAL A 31 -30.47 26.91 -29.57
C VAL A 31 -29.16 26.54 -30.26
N VAL A 32 -29.26 25.77 -31.36
CA VAL A 32 -28.12 25.27 -32.10
C VAL A 32 -27.98 26.10 -33.37
N GLU A 33 -26.79 26.67 -33.57
CA GLU A 33 -26.45 27.40 -34.78
C GLU A 33 -25.67 26.46 -35.68
N TRP A 34 -26.30 26.03 -36.78
CA TRP A 34 -25.70 25.06 -37.70
C TRP A 34 -24.63 25.73 -38.56
N GLY A 35 -23.48 25.04 -38.69
CA GLY A 35 -22.48 25.38 -39.67
C GLY A 35 -22.88 24.87 -41.06
N ASN A 36 -21.99 25.09 -42.02
CA ASN A 36 -22.19 24.69 -43.41
C ASN A 36 -21.65 23.28 -43.60
N GLN A 37 -22.53 22.33 -43.92
CA GLN A 37 -22.18 20.92 -44.04
C GLN A 37 -21.17 20.67 -45.16
N ASP A 38 -21.18 21.54 -46.19
CA ASP A 38 -20.35 21.36 -47.36
C ASP A 38 -18.92 21.84 -47.10
N ASP A 39 -18.62 22.32 -45.89
CA ASP A 39 -17.25 22.66 -45.54
C ASP A 39 -16.43 21.39 -45.29
N TYR A 40 -17.14 20.26 -45.11
CA TYR A 40 -16.54 19.00 -44.73
C TYR A 40 -16.85 17.96 -45.80
N GLN A 41 -15.81 17.28 -46.26
CA GLN A 41 -15.91 16.17 -47.19
C GLN A 41 -15.37 14.93 -46.49
N LEU A 42 -16.15 13.86 -46.48
CA LEU A 42 -15.79 12.66 -45.76
C LEU A 42 -14.72 11.91 -46.55
N VAL A 43 -13.66 11.48 -45.85
CA VAL A 43 -12.53 10.77 -46.42
C VAL A 43 -12.76 9.28 -46.26
N ARG A 44 -12.91 8.84 -45.00
CA ARG A 44 -12.95 7.42 -44.69
C ARG A 44 -13.69 7.20 -43.38
N LYS A 45 -14.26 6.01 -43.20
CA LYS A 45 -14.95 5.68 -41.96
C LYS A 45 -13.93 5.22 -40.93
N LEU A 46 -14.09 5.66 -39.69
CA LEU A 46 -13.16 5.33 -38.62
C LEU A 46 -13.77 4.34 -37.62
N GLY A 47 -15.10 4.26 -37.56
CA GLY A 47 -15.77 3.47 -36.55
C GLY A 47 -17.27 3.75 -36.49
N ARG A 48 -17.97 2.85 -35.81
CA ARG A 48 -19.41 2.98 -35.64
C ARG A 48 -19.70 2.75 -34.16
N GLY A 49 -20.93 3.09 -33.78
CA GLY A 49 -21.47 2.83 -32.46
C GLY A 49 -22.97 2.58 -32.56
N LYS A 50 -23.60 2.28 -31.41
CA LYS A 50 -25.04 2.11 -31.35
C LYS A 50 -25.73 3.36 -31.92
N TYR A 51 -25.18 4.55 -31.61
CA TYR A 51 -25.85 5.82 -31.84
C TYR A 51 -25.11 6.78 -32.77
N SER A 52 -24.01 6.37 -33.41
CA SER A 52 -23.28 7.28 -34.27
C SER A 52 -22.41 6.52 -35.28
N GLU A 53 -21.97 7.21 -36.33
CA GLU A 53 -20.92 6.72 -37.21
C GLU A 53 -19.82 7.77 -37.34
N VAL A 54 -18.57 7.35 -37.19
CA VAL A 54 -17.48 8.32 -37.07
C VAL A 54 -16.64 8.27 -38.34
N PHE A 55 -16.38 9.46 -38.90
CA PHE A 55 -15.61 9.58 -40.13
C PHE A 55 -14.46 10.55 -39.94
N GLU A 56 -13.38 10.29 -40.68
CA GLU A 56 -12.40 11.33 -40.98
C GLU A 56 -12.94 12.14 -42.15
N ALA A 57 -12.86 13.46 -42.02
CA ALA A 57 -13.20 14.37 -43.11
C ALA A 57 -12.15 15.47 -43.23
N ILE A 58 -12.18 16.17 -44.35
CA ILE A 58 -11.32 17.32 -44.55
C ILE A 58 -12.23 18.55 -44.61
N ASN A 59 -11.84 19.59 -43.88
CA ASN A 59 -12.46 20.91 -43.98
C ASN A 59 -11.88 21.61 -45.22
N ILE A 60 -12.72 21.79 -46.26
CA ILE A 60 -12.25 22.19 -47.58
C ILE A 60 -11.77 23.64 -47.59
N THR A 61 -12.25 24.44 -46.61
CA THR A 61 -11.90 25.85 -46.52
C THR A 61 -10.42 26.02 -46.26
N ASN A 62 -9.90 25.29 -45.25
CA ASN A 62 -8.54 25.48 -44.78
C ASN A 62 -7.68 24.21 -44.89
N ASN A 63 -8.22 23.15 -45.52
CA ASN A 63 -7.53 21.88 -45.67
C ASN A 63 -7.17 21.20 -44.34
N GLU A 64 -7.90 21.49 -43.25
CA GLU A 64 -7.59 20.84 -41.98
C GLU A 64 -8.33 19.49 -41.90
N LYS A 65 -7.61 18.46 -41.44
CA LYS A 65 -8.20 17.19 -41.08
C LYS A 65 -9.10 17.36 -39.87
N VAL A 66 -10.18 16.58 -39.84
CA VAL A 66 -11.28 16.77 -38.91
C VAL A 66 -11.97 15.42 -38.66
N VAL A 67 -12.71 15.29 -37.56
CA VAL A 67 -13.40 14.04 -37.27
C VAL A 67 -14.89 14.30 -37.10
N VAL A 68 -15.70 13.64 -37.93
CA VAL A 68 -17.13 13.90 -38.02
C VAL A 68 -17.89 12.76 -37.36
N LYS A 69 -18.73 13.08 -36.36
CA LYS A 69 -19.59 12.11 -35.69
C LYS A 69 -21.02 12.33 -36.14
N ILE A 70 -21.46 11.56 -37.13
CA ILE A 70 -22.82 11.64 -37.61
C ILE A 70 -23.70 10.89 -36.64
N LEU A 71 -24.60 11.60 -35.97
CA LEU A 71 -25.46 10.99 -34.98
C LEU A 71 -26.60 10.24 -35.66
N LYS A 72 -26.83 9.02 -35.16
CA LYS A 72 -28.05 8.28 -35.43
C LYS A 72 -29.18 8.91 -34.63
N PRO A 73 -30.45 8.62 -34.97
CA PRO A 73 -31.57 9.16 -34.19
C PRO A 73 -31.47 8.92 -32.69
N VAL A 74 -31.17 9.98 -31.94
CA VAL A 74 -31.34 9.99 -30.50
C VAL A 74 -32.21 11.19 -30.12
N LYS A 75 -32.78 11.13 -28.91
CA LYS A 75 -33.46 12.23 -28.25
C LYS A 75 -32.71 13.55 -28.53
N LYS A 76 -33.41 14.55 -29.09
CA LYS A 76 -32.80 15.84 -29.33
C LYS A 76 -32.18 16.37 -28.03
N LYS A 77 -32.86 16.13 -26.90
CA LYS A 77 -32.38 16.46 -25.58
C LYS A 77 -30.89 16.09 -25.42
N LYS A 78 -30.55 14.86 -25.80
CA LYS A 78 -29.20 14.34 -25.59
C LYS A 78 -28.23 14.96 -26.60
N ILE A 79 -28.70 15.39 -27.77
CA ILE A 79 -27.83 16.06 -28.71
C ILE A 79 -27.45 17.41 -28.10
N LYS A 80 -28.49 18.16 -27.71
CA LYS A 80 -28.31 19.46 -27.09
C LYS A 80 -27.33 19.31 -25.92
N ARG A 81 -27.52 18.24 -25.14
CA ARG A 81 -26.72 18.00 -23.96
C ARG A 81 -25.23 17.82 -24.31
N GLU A 82 -24.90 16.96 -25.28
CA GLU A 82 -23.48 16.80 -25.67
C GLU A 82 -22.93 18.12 -26.18
N ILE A 83 -23.70 18.84 -26.99
CA ILE A 83 -23.18 20.10 -27.60
C ILE A 83 -22.90 21.10 -26.49
N LYS A 84 -23.84 21.27 -25.56
CA LYS A 84 -23.65 22.30 -24.52
C LYS A 84 -22.42 21.90 -23.71
N ILE A 85 -22.31 20.62 -23.38
CA ILE A 85 -21.18 20.24 -22.55
C ILE A 85 -19.86 20.56 -23.26
N LEU A 86 -19.77 20.23 -24.55
CA LEU A 86 -18.57 20.51 -25.33
C LEU A 86 -18.33 22.01 -25.41
N GLU A 87 -19.38 22.81 -25.66
CA GLU A 87 -19.24 24.25 -25.73
C GLU A 87 -18.74 24.77 -24.37
N ASN A 88 -19.32 24.27 -23.29
CA ASN A 88 -18.94 24.70 -21.95
C ASN A 88 -17.48 24.36 -21.65
N LEU A 89 -17.02 23.18 -22.11
CA LEU A 89 -15.68 22.69 -21.79
C LEU A 89 -14.61 23.17 -22.78
N ARG A 90 -15.01 23.87 -23.87
CA ARG A 90 -14.06 24.25 -24.91
C ARG A 90 -12.88 25.03 -24.30
N GLY A 91 -11.67 24.63 -24.70
CA GLY A 91 -10.45 25.31 -24.26
C GLY A 91 -9.87 24.68 -23.01
N GLY A 92 -10.64 23.81 -22.36
CA GLY A 92 -10.20 23.18 -21.12
C GLY A 92 -9.11 22.16 -21.37
N PRO A 93 -8.26 21.85 -20.36
CA PRO A 93 -7.09 21.00 -20.56
C PRO A 93 -7.44 19.58 -21.01
N ASN A 94 -6.89 19.19 -22.16
CA ASN A 94 -6.95 17.84 -22.71
C ASN A 94 -8.40 17.46 -23.02
N ILE A 95 -9.24 18.47 -23.28
CA ILE A 95 -10.61 18.21 -23.68
C ILE A 95 -10.73 18.44 -25.19
N ILE A 96 -11.34 17.47 -25.87
CA ILE A 96 -11.51 17.54 -27.30
C ILE A 96 -12.34 18.78 -27.66
N THR A 97 -11.92 19.46 -28.72
CA THR A 97 -12.59 20.66 -29.17
C THR A 97 -13.68 20.29 -30.17
N LEU A 98 -14.88 20.80 -29.92
CA LEU A 98 -15.95 20.71 -30.91
C LEU A 98 -15.79 21.88 -31.85
N ALA A 99 -15.48 21.58 -33.11
CA ALA A 99 -15.10 22.59 -34.09
C ALA A 99 -16.33 23.19 -34.77
N ASP A 100 -17.40 22.41 -34.89
CA ASP A 100 -18.56 22.81 -35.67
C ASP A 100 -19.68 21.80 -35.51
N ILE A 101 -20.85 22.13 -36.05
CA ILE A 101 -22.05 21.31 -35.97
C ILE A 101 -22.86 21.51 -37.25
N VAL A 102 -23.07 20.42 -37.98
CA VAL A 102 -23.71 20.53 -39.31
C VAL A 102 -24.89 19.58 -39.40
N LYS A 103 -25.78 19.79 -40.38
CA LYS A 103 -26.94 18.90 -40.58
C LYS A 103 -26.62 18.00 -41.77
N ASP A 104 -26.28 16.74 -41.49
CA ASP A 104 -25.85 15.80 -42.56
C ASP A 104 -26.94 15.70 -43.63
N PRO A 105 -26.58 15.79 -44.92
CA PRO A 105 -27.56 15.71 -45.98
C PRO A 105 -28.07 14.29 -46.17
N VAL A 106 -27.19 13.29 -46.05
CA VAL A 106 -27.59 11.89 -46.37
C VAL A 106 -28.30 11.25 -45.17
N SER A 107 -28.78 12.06 -44.22
CA SER A 107 -29.52 11.52 -43.05
C SER A 107 -30.35 12.62 -42.38
N ARG A 108 -30.24 13.87 -42.84
CA ARG A 108 -30.94 15.00 -42.18
C ARG A 108 -30.57 14.98 -40.69
N THR A 109 -29.54 14.22 -40.33
CA THR A 109 -29.17 14.07 -38.91
C THR A 109 -28.10 15.08 -38.52
N PRO A 110 -27.94 15.36 -37.21
CA PRO A 110 -26.86 16.23 -36.80
C PRO A 110 -25.51 15.52 -36.88
N ALA A 111 -24.47 16.24 -37.30
CA ALA A 111 -23.13 15.69 -37.25
C ALA A 111 -22.22 16.65 -36.50
N LEU A 112 -21.57 16.14 -35.44
CA LEU A 112 -20.63 16.95 -34.69
C LEU A 112 -19.28 16.85 -35.37
N VAL A 113 -18.61 17.99 -35.59
CA VAL A 113 -17.28 18.02 -36.16
C VAL A 113 -16.27 18.35 -35.07
N PHE A 114 -15.23 17.53 -34.96
CA PHE A 114 -14.25 17.58 -33.89
C PHE A 114 -12.85 17.83 -34.42
N GLU A 115 -11.96 18.34 -33.54
CA GLU A 115 -10.54 18.41 -33.85
C GLU A 115 -10.04 16.98 -34.06
N HIS A 116 -9.05 16.84 -34.95
CA HIS A 116 -8.42 15.57 -35.25
C HIS A 116 -7.21 15.39 -34.35
N VAL A 117 -7.10 14.18 -33.76
CA VAL A 117 -5.94 13.78 -33.00
C VAL A 117 -5.29 12.62 -33.76
N ASN A 118 -3.97 12.71 -34.02
CA ASN A 118 -3.30 11.64 -34.72
C ASN A 118 -3.00 10.52 -33.71
N ASN A 119 -4.00 9.70 -33.45
CA ASN A 119 -4.02 8.79 -32.31
C ASN A 119 -3.29 7.50 -32.68
N THR A 120 -2.44 7.05 -31.74
CA THR A 120 -1.77 5.75 -31.80
C THR A 120 -2.71 4.69 -31.22
N ASP A 121 -2.77 3.51 -31.86
CA ASP A 121 -3.78 2.51 -31.56
C ASP A 121 -3.51 1.93 -30.17
N PHE A 122 -4.59 1.72 -29.40
CA PHE A 122 -4.43 1.48 -27.97
C PHE A 122 -3.90 0.06 -27.73
N LYS A 123 -4.00 -0.84 -28.71
CA LYS A 123 -3.34 -2.14 -28.65
C LYS A 123 -1.82 -1.95 -28.65
N GLN A 124 -1.29 -1.29 -29.68
CA GLN A 124 0.15 -1.12 -29.89
C GLN A 124 0.75 -0.22 -28.80
N LEU A 125 -0.02 0.76 -28.32
CA LEU A 125 0.49 1.74 -27.38
C LEU A 125 0.62 1.13 -25.98
N TYR A 126 -0.45 0.50 -25.46
CA TYR A 126 -0.48 0.00 -24.09
C TYR A 126 0.45 -1.21 -23.94
N GLN A 127 1.29 -1.49 -24.96
CA GLN A 127 2.33 -2.50 -24.88
C GLN A 127 3.71 -1.87 -24.70
N THR A 128 3.92 -0.68 -25.27
CA THR A 128 5.22 -0.02 -25.28
C THR A 128 5.32 0.98 -24.12
N LEU A 129 4.21 1.22 -23.44
CA LEU A 129 4.13 2.24 -22.40
C LEU A 129 5.13 1.90 -21.29
N THR A 130 6.05 2.83 -21.05
CA THR A 130 6.93 2.72 -19.90
C THR A 130 6.15 3.14 -18.66
N ASP A 131 6.77 2.96 -17.49
CA ASP A 131 6.20 3.36 -16.23
C ASP A 131 5.93 4.86 -16.25
N TYR A 132 6.90 5.63 -16.77
CA TYR A 132 6.80 7.08 -16.84
C TYR A 132 5.63 7.48 -17.75
N ASP A 133 5.50 6.83 -18.91
CA ASP A 133 4.43 7.17 -19.84
C ASP A 133 3.08 7.02 -19.16
N ILE A 134 2.88 5.94 -18.41
CA ILE A 134 1.60 5.72 -17.75
C ILE A 134 1.34 6.87 -16.78
N ARG A 135 2.36 7.22 -15.97
CA ARG A 135 2.22 8.31 -15.02
C ARG A 135 1.86 9.59 -15.77
N PHE A 136 2.64 9.90 -16.80
CA PHE A 136 2.43 11.09 -17.63
C PHE A 136 0.98 11.16 -18.13
N TYR A 137 0.52 10.10 -18.79
CA TYR A 137 -0.76 10.15 -19.45
C TYR A 137 -1.88 10.10 -18.41
N MET A 138 -1.64 9.46 -17.28
CA MET A 138 -2.63 9.45 -16.22
C MET A 138 -2.77 10.87 -15.67
N TYR A 139 -1.64 11.56 -15.52
CA TYR A 139 -1.66 12.94 -15.08
C TYR A 139 -2.46 13.77 -16.08
N GLU A 140 -2.24 13.56 -17.38
CA GLU A 140 -2.94 14.34 -18.38
C GLU A 140 -4.44 14.05 -18.30
N ILE A 141 -4.84 12.79 -18.10
CA ILE A 141 -6.25 12.47 -18.03
C ILE A 141 -6.89 13.21 -16.85
N LEU A 142 -6.16 13.28 -15.72
CA LEU A 142 -6.65 13.85 -14.49
C LEU A 142 -6.89 15.35 -14.64
N LYS A 143 -6.00 16.03 -15.38
CA LYS A 143 -6.21 17.42 -15.75
C LYS A 143 -7.60 17.58 -16.37
N ALA A 144 -7.96 16.67 -17.28
CA ALA A 144 -9.22 16.79 -18.00
C ALA A 144 -10.39 16.48 -17.06
N LEU A 145 -10.23 15.47 -16.20
CA LEU A 145 -11.29 15.08 -15.29
C LEU A 145 -11.53 16.16 -14.22
N ASP A 146 -10.44 16.70 -13.66
CA ASP A 146 -10.56 17.76 -12.68
C ASP A 146 -11.21 18.98 -13.31
N TYR A 147 -10.77 19.33 -14.52
CA TYR A 147 -11.36 20.49 -15.19
C TYR A 147 -12.86 20.28 -15.39
N CYS A 148 -13.26 19.17 -16.04
CA CYS A 148 -14.67 18.97 -16.36
C CYS A 148 -15.49 18.88 -15.07
N HIS A 149 -14.92 18.24 -14.02
CA HIS A 149 -15.62 18.15 -12.75
C HIS A 149 -15.76 19.52 -12.11
N SER A 150 -14.71 20.35 -12.20
CA SER A 150 -14.77 21.69 -11.64
C SER A 150 -15.81 22.52 -12.39
N MET A 151 -16.10 22.14 -13.64
CA MET A 151 -17.09 22.80 -14.46
C MET A 151 -18.46 22.11 -14.33
N GLY A 152 -18.62 21.21 -13.36
CA GLY A 152 -19.93 20.74 -12.99
C GLY A 152 -20.46 19.60 -13.86
N ILE A 153 -19.52 18.95 -14.56
CA ILE A 153 -19.90 17.90 -15.54
C ILE A 153 -19.16 16.60 -15.24
N MET A 154 -19.85 15.47 -15.41
CA MET A 154 -19.19 14.15 -15.25
C MET A 154 -19.19 13.47 -16.62
N HIS A 155 -18.05 12.93 -17.07
CA HIS A 155 -17.93 12.23 -18.39
C HIS A 155 -18.78 10.96 -18.41
N ARG A 156 -18.66 10.09 -17.42
CA ARG A 156 -19.49 8.90 -17.26
C ARG A 156 -19.16 7.81 -18.28
N ASP A 157 -18.08 7.94 -19.04
CA ASP A 157 -17.68 6.89 -19.97
C ASP A 157 -16.17 6.96 -20.17
N VAL A 158 -15.44 7.12 -19.07
CA VAL A 158 -14.00 7.08 -19.09
C VAL A 158 -13.55 5.64 -19.34
N LYS A 159 -12.69 5.45 -20.34
CA LYS A 159 -12.12 4.17 -20.71
C LYS A 159 -11.07 4.37 -21.80
N PRO A 160 -10.20 3.38 -22.10
CA PRO A 160 -9.11 3.56 -23.04
C PRO A 160 -9.52 4.15 -24.40
N HIS A 161 -10.60 3.62 -24.98
CA HIS A 161 -11.02 4.00 -26.32
C HIS A 161 -11.52 5.44 -26.38
N ASN A 162 -11.89 6.05 -25.23
CA ASN A 162 -12.27 7.45 -25.22
C ASN A 162 -11.09 8.36 -24.83
N VAL A 163 -9.86 7.84 -24.88
CA VAL A 163 -8.70 8.67 -24.66
C VAL A 163 -7.83 8.61 -25.92
N MET A 164 -7.70 9.73 -26.62
CA MET A 164 -6.90 9.78 -27.83
C MET A 164 -5.52 10.27 -27.43
N ILE A 165 -4.48 9.56 -27.86
CA ILE A 165 -3.12 9.90 -27.49
C ILE A 165 -2.29 9.95 -28.76
N ASP A 166 -1.72 11.13 -29.03
CA ASP A 166 -0.68 11.27 -30.03
C ASP A 166 0.66 11.13 -29.30
N HIS A 167 1.21 9.91 -29.32
CA HIS A 167 2.39 9.58 -28.54
C HIS A 167 3.58 10.43 -29.01
N GLU A 168 3.68 10.63 -30.33
CA GLU A 168 4.71 11.45 -30.93
C GLU A 168 4.79 12.81 -30.24
N HIS A 169 3.64 13.46 -30.01
CA HIS A 169 3.59 14.81 -29.46
C HIS A 169 3.16 14.82 -28.00
N ARG A 170 3.14 13.65 -27.36
CA ARG A 170 2.85 13.49 -25.95
C ARG A 170 1.60 14.31 -25.60
N LYS A 171 0.56 14.14 -26.42
CA LYS A 171 -0.61 14.98 -26.38
C LYS A 171 -1.86 14.11 -26.29
N LEU A 172 -2.75 14.44 -25.35
CA LEU A 172 -3.86 13.57 -24.99
C LEU A 172 -5.15 14.36 -24.98
N ARG A 173 -6.22 13.75 -25.52
CA ARG A 173 -7.54 14.36 -25.55
C ARG A 173 -8.55 13.34 -25.03
N LEU A 174 -9.37 13.75 -24.06
CA LEU A 174 -10.50 12.97 -23.60
C LEU A 174 -11.67 13.25 -24.53
N ILE A 175 -12.16 12.20 -25.20
CA ILE A 175 -13.20 12.37 -26.21
C ILE A 175 -14.51 11.71 -25.76
N ASP A 176 -15.52 11.79 -26.64
CA ASP A 176 -16.81 11.13 -26.54
C ASP A 176 -17.56 11.56 -25.29
N TRP A 177 -18.21 12.73 -25.38
CA TRP A 177 -18.91 13.34 -24.26
C TRP A 177 -20.41 13.05 -24.34
N GLY A 178 -20.81 12.04 -25.11
CA GLY A 178 -22.21 11.79 -25.40
C GLY A 178 -22.99 11.19 -24.22
N LEU A 179 -22.31 10.70 -23.18
CA LEU A 179 -22.95 10.21 -21.95
C LEU A 179 -22.71 11.20 -20.79
N ALA A 180 -21.93 12.26 -21.04
CA ALA A 180 -21.61 13.23 -20.01
C ALA A 180 -22.87 13.93 -19.53
N GLU A 181 -22.87 14.38 -18.26
CA GLU A 181 -24.06 14.98 -17.67
C GLU A 181 -23.62 16.01 -16.63
N PHE A 182 -24.54 16.94 -16.34
CA PHE A 182 -24.32 17.97 -15.32
C PHE A 182 -24.60 17.42 -13.93
N TYR A 183 -23.69 17.70 -12.98
CA TYR A 183 -23.88 17.26 -11.61
C TYR A 183 -24.78 18.24 -10.88
N HIS A 184 -25.90 17.75 -10.35
CA HIS A 184 -26.75 18.55 -9.50
C HIS A 184 -26.92 17.81 -8.19
N PRO A 185 -26.66 18.45 -7.02
CA PRO A 185 -26.82 17.77 -5.74
C PRO A 185 -28.26 17.26 -5.63
N GLY A 186 -28.38 15.97 -5.33
CA GLY A 186 -29.67 15.39 -5.05
C GLY A 186 -30.29 14.69 -6.24
N GLN A 187 -29.72 14.87 -7.44
CA GLN A 187 -30.26 14.27 -8.65
C GLN A 187 -29.94 12.78 -8.68
N GLU A 188 -30.93 12.00 -9.14
CA GLU A 188 -30.82 10.56 -9.33
C GLU A 188 -30.62 10.32 -10.82
N TYR A 189 -29.46 9.79 -11.17
CA TYR A 189 -29.05 9.64 -12.55
C TYR A 189 -29.33 8.20 -12.98
N ASN A 190 -29.28 8.02 -14.30
CA ASN A 190 -29.36 6.72 -14.95
C ASN A 190 -28.08 5.97 -14.64
N VAL A 191 -28.20 4.70 -14.27
CA VAL A 191 -27.03 3.87 -14.00
C VAL A 191 -26.55 3.21 -15.30
N ARG A 192 -27.42 3.10 -16.31
CA ARG A 192 -27.06 2.47 -17.57
C ARG A 192 -26.18 3.42 -18.37
N VAL A 193 -24.98 3.67 -17.87
CA VAL A 193 -23.98 4.49 -18.53
C VAL A 193 -22.63 3.83 -18.31
N ALA A 194 -21.60 4.35 -18.99
CA ALA A 194 -20.25 3.79 -18.94
C ALA A 194 -20.25 2.42 -19.59
N SER A 195 -19.05 1.89 -19.84
CA SER A 195 -18.88 0.56 -20.41
C SER A 195 -18.60 -0.44 -19.30
N ARG A 196 -18.98 -1.69 -19.51
CA ARG A 196 -19.17 -2.64 -18.44
C ARG A 196 -17.96 -2.77 -17.52
N TYR A 197 -16.76 -2.88 -18.11
CA TYR A 197 -15.55 -3.17 -17.34
C TYR A 197 -15.15 -1.95 -16.49
N PHE A 198 -15.77 -0.79 -16.77
CA PHE A 198 -15.40 0.48 -16.17
C PHE A 198 -16.51 0.99 -15.26
N LYS A 199 -17.63 0.27 -15.15
CA LYS A 199 -18.75 0.69 -14.33
C LYS A 199 -18.34 0.65 -12.87
N GLY A 200 -18.55 1.77 -12.16
CA GLY A 200 -18.42 1.82 -10.73
C GLY A 200 -19.46 0.92 -10.05
N PRO A 201 -19.16 0.40 -8.83
CA PRO A 201 -20.14 -0.37 -8.07
C PRO A 201 -21.50 0.28 -7.95
N GLU A 202 -21.50 1.61 -7.76
CA GLU A 202 -22.74 2.36 -7.63
C GLU A 202 -23.69 2.06 -8.80
N LEU A 203 -23.15 1.93 -10.01
CA LEU A 203 -23.98 1.62 -11.17
C LEU A 203 -24.49 0.19 -11.07
N LEU A 204 -23.62 -0.72 -10.64
CA LEU A 204 -23.94 -2.13 -10.68
C LEU A 204 -24.97 -2.52 -9.61
N VAL A 205 -25.03 -1.76 -8.51
CA VAL A 205 -25.95 -2.02 -7.42
C VAL A 205 -27.17 -1.08 -7.51
N ASP A 206 -27.19 -0.22 -8.53
CA ASP A 206 -28.27 0.72 -8.78
C ASP A 206 -28.40 1.74 -7.66
N TYR A 207 -27.28 2.41 -7.34
CA TYR A 207 -27.28 3.60 -6.51
C TYR A 207 -27.19 4.81 -7.45
N GLN A 208 -28.28 5.59 -7.52
CA GLN A 208 -28.47 6.54 -8.60
C GLN A 208 -27.91 7.92 -8.26
N MET A 209 -27.61 8.16 -6.98
CA MET A 209 -27.31 9.51 -6.54
C MET A 209 -25.78 9.65 -6.54
N TYR A 210 -25.20 9.37 -7.72
CA TYR A 210 -23.77 9.29 -7.90
C TYR A 210 -23.27 10.62 -8.45
N ASP A 211 -21.96 10.71 -8.69
CA ASP A 211 -21.35 12.01 -8.93
C ASP A 211 -20.02 11.84 -9.67
N TYR A 212 -19.23 12.92 -9.69
CA TYR A 212 -17.96 12.94 -10.40
C TYR A 212 -17.09 11.74 -10.04
N SER A 213 -17.25 11.23 -8.81
CA SER A 213 -16.38 10.20 -8.30
C SER A 213 -16.50 8.93 -9.15
N LEU A 214 -17.61 8.82 -9.89
CA LEU A 214 -17.80 7.72 -10.82
C LEU A 214 -16.63 7.64 -11.79
N ASP A 215 -16.18 8.79 -12.29
CA ASP A 215 -15.15 8.84 -13.31
C ASP A 215 -13.84 8.28 -12.74
N MET A 216 -13.63 8.48 -11.44
CA MET A 216 -12.39 8.11 -10.78
C MET A 216 -12.32 6.59 -10.59
N TRP A 217 -13.46 5.94 -10.33
CA TRP A 217 -13.48 4.49 -10.41
C TRP A 217 -12.97 4.03 -11.77
N SER A 218 -13.58 4.55 -12.85
CA SER A 218 -13.22 4.13 -14.20
C SER A 218 -11.73 4.34 -14.42
N LEU A 219 -11.20 5.50 -14.00
CA LEU A 219 -9.78 5.76 -14.12
C LEU A 219 -8.98 4.67 -13.40
N GLY A 220 -9.45 4.27 -12.21
CA GLY A 220 -8.83 3.18 -11.47
C GLY A 220 -8.70 1.89 -12.29
N CYS A 221 -9.81 1.51 -12.92
CA CYS A 221 -9.87 0.32 -13.77
C CYS A 221 -8.83 0.38 -14.90
N MET A 222 -8.74 1.56 -15.55
CA MET A 222 -7.75 1.80 -16.59
C MET A 222 -6.35 1.61 -16.03
N LEU A 223 -6.08 2.23 -14.88
CA LEU A 223 -4.74 2.20 -14.31
C LEU A 223 -4.34 0.76 -14.00
N ALA A 224 -5.25 0.06 -13.32
CA ALA A 224 -5.05 -1.34 -12.99
C ALA A 224 -4.58 -2.12 -14.22
N SER A 225 -5.31 -2.00 -15.33
CA SER A 225 -5.00 -2.78 -16.52
C SER A 225 -3.65 -2.38 -17.13
N MET A 226 -3.29 -1.10 -17.03
CA MET A 226 -2.05 -0.61 -17.61
C MET A 226 -0.86 -1.15 -16.81
N ILE A 227 -0.91 -1.06 -15.48
CA ILE A 227 0.23 -1.44 -14.65
C ILE A 227 0.32 -2.97 -14.52
N PHE A 228 -0.82 -3.67 -14.53
CA PHE A 228 -0.83 -5.12 -14.40
C PHE A 228 -0.81 -5.82 -15.76
N ARG A 229 -0.95 -5.06 -16.86
CA ARG A 229 -0.97 -5.59 -18.22
C ARG A 229 -2.06 -6.64 -18.31
N LYS A 230 -3.28 -6.23 -17.96
CA LYS A 230 -4.46 -7.07 -18.09
C LYS A 230 -5.63 -6.19 -18.53
N GLU A 231 -5.99 -6.27 -19.82
CA GLU A 231 -6.98 -5.44 -20.48
C GLU A 231 -8.18 -6.31 -20.83
N PRO A 232 -9.40 -6.12 -20.25
CA PRO A 232 -9.63 -5.23 -19.11
C PRO A 232 -9.32 -5.96 -17.81
N PHE A 233 -9.22 -5.21 -16.71
CA PHE A 233 -8.77 -5.76 -15.44
C PHE A 233 -9.91 -6.51 -14.73
N PHE A 234 -11.07 -5.87 -14.57
CA PHE A 234 -12.28 -6.54 -14.12
C PHE A 234 -13.11 -6.91 -15.36
N HIS A 235 -13.07 -8.18 -15.75
CA HIS A 235 -13.58 -8.61 -17.03
C HIS A 235 -14.84 -9.44 -16.80
N GLY A 236 -15.94 -8.78 -16.47
CA GLY A 236 -17.18 -9.47 -16.16
C GLY A 236 -17.97 -9.81 -17.43
N HIS A 237 -18.84 -10.81 -17.32
CA HIS A 237 -19.65 -11.28 -18.44
C HIS A 237 -20.93 -10.45 -18.60
N ASP A 238 -21.31 -9.74 -17.53
CA ASP A 238 -22.50 -8.93 -17.47
C ASP A 238 -22.41 -8.04 -16.23
N ASN A 239 -23.44 -7.25 -15.95
CA ASN A 239 -23.36 -6.30 -14.85
C ASN A 239 -23.26 -7.03 -13.51
N TYR A 240 -23.86 -8.21 -13.40
CA TYR A 240 -23.84 -8.94 -12.15
C TYR A 240 -22.45 -9.53 -11.92
N ASP A 241 -21.98 -10.32 -12.90
CA ASP A 241 -20.67 -10.94 -12.82
C ASP A 241 -19.58 -9.86 -12.69
N GLN A 242 -19.84 -8.68 -13.24
CA GLN A 242 -18.90 -7.58 -13.16
C GLN A 242 -18.64 -7.28 -11.69
N LEU A 243 -19.70 -7.23 -10.87
CA LEU A 243 -19.54 -6.88 -9.47
C LEU A 243 -18.87 -8.04 -8.73
N VAL A 244 -19.12 -9.28 -9.17
CA VAL A 244 -18.46 -10.43 -8.62
C VAL A 244 -16.95 -10.34 -8.86
N ARG A 245 -16.53 -9.94 -10.06
CA ARG A 245 -15.12 -9.87 -10.39
C ARG A 245 -14.43 -8.89 -9.43
N ILE A 246 -15.07 -7.73 -9.24
CA ILE A 246 -14.64 -6.70 -8.30
C ILE A 246 -14.57 -7.30 -6.91
N ALA A 247 -15.64 -8.00 -6.52
CA ALA A 247 -15.75 -8.52 -5.17
C ALA A 247 -14.60 -9.49 -4.90
N LYS A 248 -14.18 -10.25 -5.91
CA LYS A 248 -13.13 -11.25 -5.71
C LYS A 248 -11.77 -10.58 -5.50
N VAL A 249 -11.67 -9.26 -5.72
CA VAL A 249 -10.43 -8.52 -5.52
C VAL A 249 -10.56 -7.61 -4.30
N LEU A 250 -11.56 -6.72 -4.31
CA LEU A 250 -11.77 -5.76 -3.24
C LEU A 250 -12.38 -6.39 -2.01
N GLY A 251 -12.86 -7.64 -2.09
CA GLY A 251 -13.47 -8.34 -0.97
C GLY A 251 -14.95 -8.01 -0.83
N THR A 252 -15.71 -8.90 -0.20
CA THR A 252 -17.15 -8.70 -0.02
C THR A 252 -17.45 -7.94 1.26
N GLU A 253 -16.47 -7.86 2.17
CA GLU A 253 -16.64 -7.18 3.45
C GLU A 253 -16.96 -5.71 3.21
N ASP A 254 -16.17 -5.03 2.36
CA ASP A 254 -16.40 -3.61 2.13
C ASP A 254 -17.62 -3.40 1.24
N LEU A 255 -17.90 -4.36 0.34
CA LEU A 255 -19.09 -4.25 -0.48
C LEU A 255 -20.32 -4.16 0.42
N TYR A 256 -20.43 -5.10 1.36
CA TYR A 256 -21.61 -5.19 2.21
C TYR A 256 -21.71 -3.99 3.14
N ASP A 257 -20.57 -3.52 3.68
CA ASP A 257 -20.57 -2.29 4.45
C ASP A 257 -21.09 -1.13 3.59
N TYR A 258 -20.69 -1.12 2.31
CA TYR A 258 -21.11 -0.08 1.37
C TYR A 258 -22.62 -0.13 1.13
N ILE A 259 -23.20 -1.31 0.93
CA ILE A 259 -24.63 -1.36 0.66
C ILE A 259 -25.38 -0.96 1.94
N ASP A 260 -24.77 -1.26 3.10
CA ASP A 260 -25.38 -1.00 4.40
C ASP A 260 -25.40 0.50 4.67
N LYS A 261 -24.27 1.17 4.43
CA LYS A 261 -24.13 2.60 4.71
C LYS A 261 -25.22 3.39 3.98
N TYR A 262 -25.43 3.07 2.69
CA TYR A 262 -26.35 3.81 1.83
C TYR A 262 -27.70 3.11 1.73
N ASN A 263 -27.93 2.10 2.58
CA ASN A 263 -29.21 1.41 2.64
C ASN A 263 -29.69 1.09 1.22
N ILE A 264 -28.83 0.41 0.46
CA ILE A 264 -29.10 0.04 -0.91
C ILE A 264 -29.86 -1.29 -0.94
N GLU A 265 -30.97 -1.29 -1.68
CA GLU A 265 -31.71 -2.51 -1.96
C GLU A 265 -30.95 -3.26 -3.03
N LEU A 266 -30.49 -4.46 -2.68
CA LEU A 266 -29.61 -5.23 -3.54
C LEU A 266 -30.47 -6.26 -4.26
N ASP A 267 -30.34 -6.27 -5.58
CA ASP A 267 -31.05 -7.22 -6.43
C ASP A 267 -30.88 -8.62 -5.84
N PRO A 268 -31.97 -9.40 -5.63
CA PRO A 268 -31.86 -10.74 -5.00
C PRO A 268 -31.00 -11.73 -5.78
N ARG A 269 -30.87 -11.50 -7.10
CA ARG A 269 -29.89 -12.18 -7.94
C ARG A 269 -28.53 -12.25 -7.23
N PHE A 270 -28.00 -11.07 -6.89
CA PHE A 270 -26.66 -10.92 -6.34
C PHE A 270 -26.42 -11.77 -5.09
N ASN A 271 -27.48 -12.05 -4.34
CA ASN A 271 -27.33 -12.68 -3.03
C ASN A 271 -26.68 -14.06 -3.16
N ASP A 272 -26.90 -14.76 -4.27
CA ASP A 272 -26.35 -16.10 -4.44
C ASP A 272 -24.93 -16.07 -5.03
N ILE A 273 -24.57 -15.05 -5.82
CA ILE A 273 -23.38 -15.13 -6.65
C ILE A 273 -22.21 -14.34 -6.06
N LEU A 274 -22.45 -13.46 -5.08
CA LEU A 274 -21.38 -12.62 -4.55
C LEU A 274 -20.54 -13.46 -3.59
N GLY A 275 -21.20 -14.29 -2.77
CA GLY A 275 -20.48 -15.14 -1.84
C GLY A 275 -19.73 -14.34 -0.79
N ARG A 276 -18.60 -14.90 -0.33
CA ARG A 276 -17.71 -14.30 0.66
C ARG A 276 -16.30 -14.29 0.08
N HIS A 277 -15.63 -13.13 0.09
CA HIS A 277 -14.29 -13.00 -0.48
C HIS A 277 -13.45 -12.05 0.36
N SER A 278 -12.21 -12.45 0.64
CA SER A 278 -11.24 -11.55 1.25
C SER A 278 -10.84 -10.45 0.25
N ARG A 279 -10.45 -9.30 0.79
CA ARG A 279 -9.81 -8.30 -0.04
C ARG A 279 -8.38 -8.76 -0.34
N LYS A 280 -8.00 -8.74 -1.62
CA LYS A 280 -6.72 -9.27 -2.04
C LYS A 280 -5.66 -8.18 -1.99
N ARG A 281 -4.40 -8.59 -1.82
CA ARG A 281 -3.27 -7.69 -1.89
C ARG A 281 -2.79 -7.61 -3.33
N TRP A 282 -2.47 -6.40 -3.78
CA TRP A 282 -2.17 -6.13 -5.17
C TRP A 282 -0.96 -6.94 -5.64
N GLU A 283 -0.09 -7.37 -4.70
CA GLU A 283 1.06 -8.18 -5.07
C GLU A 283 0.64 -9.42 -5.87
N ARG A 284 -0.57 -9.94 -5.66
CA ARG A 284 -0.94 -11.18 -6.32
C ARG A 284 -1.18 -10.95 -7.81
N PHE A 285 -1.26 -9.70 -8.27
CA PHE A 285 -1.42 -9.41 -9.69
C PHE A 285 -0.09 -8.98 -10.30
N VAL A 286 1.02 -9.23 -9.59
CA VAL A 286 2.33 -8.79 -10.03
C VAL A 286 3.12 -10.02 -10.47
N HIS A 287 3.70 -9.92 -11.67
CA HIS A 287 4.44 -11.00 -12.31
C HIS A 287 5.62 -10.38 -13.04
N SER A 288 6.65 -11.18 -13.33
CA SER A 288 7.87 -10.68 -13.96
C SER A 288 7.55 -9.76 -15.14
N GLU A 289 6.50 -10.09 -15.89
CA GLU A 289 6.16 -9.44 -17.15
C GLU A 289 5.74 -7.98 -16.92
N ASN A 290 5.11 -7.70 -15.78
CA ASN A 290 4.48 -6.40 -15.52
C ASN A 290 5.18 -5.62 -14.39
N GLN A 291 6.11 -6.24 -13.66
CA GLN A 291 6.62 -5.67 -12.42
C GLN A 291 7.24 -4.29 -12.65
N HIS A 292 7.89 -4.08 -13.81
CA HIS A 292 8.56 -2.84 -14.11
C HIS A 292 7.59 -1.65 -14.11
N LEU A 293 6.29 -1.94 -14.15
CA LEU A 293 5.25 -0.91 -14.14
C LEU A 293 4.66 -0.73 -12.75
N VAL A 294 4.86 -1.71 -11.86
CA VAL A 294 4.24 -1.68 -10.54
C VAL A 294 5.27 -1.21 -9.52
N SER A 295 4.80 -0.33 -8.63
CA SER A 295 5.61 0.29 -7.61
C SER A 295 4.73 0.52 -6.39
N PRO A 296 5.31 0.68 -5.17
CA PRO A 296 4.53 1.01 -3.99
C PRO A 296 3.62 2.21 -4.21
N GLU A 297 4.13 3.22 -4.93
CA GLU A 297 3.40 4.44 -5.24
C GLU A 297 2.18 4.10 -6.10
N ALA A 298 2.38 3.26 -7.13
CA ALA A 298 1.30 2.97 -8.07
C ALA A 298 0.16 2.26 -7.33
N LEU A 299 0.54 1.35 -6.43
CA LEU A 299 -0.42 0.54 -5.70
C LEU A 299 -1.16 1.39 -4.67
N ASP A 300 -0.46 2.33 -4.03
CA ASP A 300 -1.12 3.22 -3.09
C ASP A 300 -2.17 4.02 -3.86
N PHE A 301 -1.76 4.59 -4.99
CA PHE A 301 -2.64 5.44 -5.78
C PHE A 301 -3.86 4.64 -6.27
N LEU A 302 -3.61 3.46 -6.84
CA LEU A 302 -4.67 2.61 -7.36
C LEU A 302 -5.68 2.28 -6.25
N ASP A 303 -5.16 1.87 -5.09
CA ASP A 303 -6.00 1.46 -3.97
C ASP A 303 -7.03 2.54 -3.68
N LYS A 304 -6.60 3.82 -3.75
CA LYS A 304 -7.41 4.95 -3.35
C LYS A 304 -8.32 5.45 -4.47
N LEU A 305 -8.21 4.87 -5.68
CA LEU A 305 -9.23 5.08 -6.70
C LEU A 305 -10.33 4.02 -6.58
N LEU A 306 -9.91 2.76 -6.41
CA LEU A 306 -10.82 1.63 -6.46
C LEU A 306 -11.42 1.34 -5.08
N ARG A 307 -12.45 2.12 -4.75
CA ARG A 307 -13.19 1.95 -3.49
C ARG A 307 -14.68 1.90 -3.79
N TYR A 308 -15.39 0.94 -3.22
CA TYR A 308 -16.83 0.82 -3.35
C TYR A 308 -17.49 2.17 -3.06
N ASP A 309 -17.21 2.70 -1.87
CA ASP A 309 -17.84 3.93 -1.43
C ASP A 309 -17.27 5.09 -2.26
N HIS A 310 -18.12 5.64 -3.11
CA HIS A 310 -17.76 6.73 -4.01
C HIS A 310 -17.27 7.96 -3.25
N GLN A 311 -17.79 8.20 -2.04
CA GLN A 311 -17.40 9.37 -1.26
C GLN A 311 -15.94 9.26 -0.80
N SER A 312 -15.37 8.04 -0.81
CA SER A 312 -14.07 7.83 -0.21
C SER A 312 -12.95 7.67 -1.25
N ARG A 313 -13.29 7.77 -2.55
CA ARG A 313 -12.31 7.70 -3.62
C ARG A 313 -11.58 9.04 -3.71
N LEU A 314 -10.39 9.06 -4.31
CA LEU A 314 -9.70 10.31 -4.52
C LEU A 314 -10.51 11.19 -5.47
N THR A 315 -10.34 12.49 -5.27
CA THR A 315 -10.90 13.45 -6.23
C THR A 315 -9.78 13.63 -7.24
N ALA A 316 -10.08 14.15 -8.42
CA ALA A 316 -9.04 14.27 -9.45
C ALA A 316 -7.90 15.14 -8.93
N ARG A 317 -8.21 16.15 -8.13
CA ARG A 317 -7.18 17.07 -7.70
C ARG A 317 -6.29 16.41 -6.66
N GLU A 318 -6.89 15.57 -5.81
CA GLU A 318 -6.17 14.81 -4.81
C GLU A 318 -5.23 13.81 -5.49
N ALA A 319 -5.79 13.10 -6.48
CA ALA A 319 -5.04 12.17 -7.32
C ALA A 319 -3.82 12.86 -7.91
N MET A 320 -4.02 14.09 -8.41
CA MET A 320 -2.95 14.82 -9.07
C MET A 320 -1.85 15.19 -8.08
N GLU A 321 -2.11 15.07 -6.78
CA GLU A 321 -1.14 15.46 -5.77
C GLU A 321 -0.40 14.24 -5.21
N HIS A 322 -0.79 13.05 -5.66
CA HIS A 322 -0.22 11.79 -5.15
C HIS A 322 1.25 11.66 -5.55
N PRO A 323 2.11 11.04 -4.71
CA PRO A 323 3.51 10.80 -5.03
C PRO A 323 3.81 10.11 -6.36
N TYR A 324 2.87 9.30 -6.86
CA TYR A 324 3.04 8.61 -8.13
C TYR A 324 3.33 9.62 -9.26
N PHE A 325 2.91 10.88 -9.11
CA PHE A 325 3.11 11.86 -10.18
C PHE A 325 4.23 12.85 -9.89
N TYR A 326 5.05 12.61 -8.86
CA TYR A 326 5.98 13.64 -8.41
C TYR A 326 6.98 13.93 -9.53
N THR A 327 7.50 12.90 -10.20
CA THR A 327 8.51 13.13 -11.24
C THR A 327 7.85 13.82 -12.43
N VAL A 328 6.58 13.47 -12.72
CA VAL A 328 5.86 14.13 -13.81
C VAL A 328 5.71 15.62 -13.53
N VAL A 329 5.29 15.95 -12.32
CA VAL A 329 5.05 17.33 -11.92
C VAL A 329 6.37 18.12 -11.99
N LYS A 330 7.47 17.55 -11.53
CA LYS A 330 8.75 18.27 -11.54
C LYS A 330 9.16 18.52 -12.99
N ASP A 331 8.95 17.52 -13.87
CA ASP A 331 9.36 17.62 -15.26
C ASP A 331 8.50 18.61 -16.02
N GLN A 332 7.24 18.80 -15.59
CA GLN A 332 6.32 19.71 -16.26
C GLN A 332 6.69 21.17 -15.94
N ALA A 333 7.38 21.38 -14.80
CA ALA A 333 7.81 22.71 -14.40
C ALA A 333 9.26 22.98 -14.82
N ARG A 334 9.69 22.49 -16.00
CA ARG A 334 11.09 22.59 -16.41
C ARG A 334 11.24 22.39 -17.92
N SER B 3 -3.27 -36.05 14.07
CA SER B 3 -2.66 -35.13 13.07
C SER B 3 -1.68 -34.18 13.76
N GLY B 4 -2.19 -33.31 14.65
CA GLY B 4 -1.35 -32.33 15.32
C GLY B 4 -1.00 -31.17 14.38
N PRO B 5 -0.09 -30.27 14.78
CA PRO B 5 0.27 -29.11 13.95
C PRO B 5 1.18 -29.50 12.79
N VAL B 6 1.05 -28.79 11.68
CA VAL B 6 1.86 -29.03 10.49
C VAL B 6 3.25 -28.46 10.80
N PRO B 7 4.34 -29.19 10.48
CA PRO B 7 5.68 -28.69 10.77
C PRO B 7 6.06 -27.57 9.81
N SER B 8 7.13 -26.87 10.16
CA SER B 8 7.64 -25.71 9.43
C SER B 8 9.16 -25.65 9.58
N ARG B 9 9.82 -25.24 8.49
CA ARG B 9 11.24 -24.99 8.43
C ARG B 9 11.40 -23.53 8.00
N ALA B 10 12.51 -22.90 8.37
CA ALA B 10 12.80 -21.55 7.88
C ALA B 10 13.02 -21.61 6.37
N ARG B 11 12.57 -20.57 5.66
CA ARG B 11 12.82 -20.41 4.23
C ARG B 11 14.29 -20.17 3.93
N VAL B 12 15.04 -19.58 4.87
CA VAL B 12 16.45 -19.25 4.67
C VAL B 12 17.24 -19.62 5.91
N TYR B 13 18.54 -19.78 5.70
CA TYR B 13 19.49 -20.07 6.75
C TYR B 13 19.00 -21.30 7.52
N THR B 14 18.37 -22.21 6.78
CA THR B 14 17.61 -23.31 7.36
C THR B 14 18.53 -24.23 8.15
N ASP B 15 19.66 -24.61 7.54
CA ASP B 15 20.49 -25.72 8.03
C ASP B 15 21.86 -25.22 8.44
N VAL B 16 21.95 -23.95 8.79
CA VAL B 16 23.22 -23.28 8.96
C VAL B 16 23.95 -23.90 10.16
N ASN B 17 23.20 -24.16 11.24
CA ASN B 17 23.78 -24.64 12.49
C ASN B 17 24.14 -26.12 12.37
N THR B 18 23.40 -26.85 11.54
CA THR B 18 23.66 -28.25 11.29
C THR B 18 25.02 -28.44 10.65
N HIS B 19 25.48 -27.47 9.84
CA HIS B 19 26.72 -27.62 9.08
C HIS B 19 27.89 -27.07 9.87
N ARG B 20 27.64 -26.66 11.11
CA ARG B 20 28.68 -26.16 11.99
C ARG B 20 29.22 -27.30 12.86
N PRO B 21 30.40 -27.12 13.47
CA PRO B 21 30.79 -27.98 14.58
C PRO B 21 29.76 -27.89 15.72
N ARG B 22 29.49 -29.05 16.34
CA ARG B 22 28.63 -29.14 17.52
C ARG B 22 28.86 -27.96 18.47
N GLU B 23 30.13 -27.66 18.80
CA GLU B 23 30.51 -26.65 19.78
C GLU B 23 29.85 -25.31 19.49
N TYR B 24 29.55 -25.04 18.21
CA TYR B 24 29.05 -23.74 17.83
C TYR B 24 27.71 -23.49 18.51
N TRP B 25 26.83 -24.49 18.50
CA TRP B 25 25.46 -24.29 18.95
C TRP B 25 25.16 -25.05 20.24
N ASP B 26 25.93 -26.08 20.56
CA ASP B 26 25.65 -26.88 21.75
C ASP B 26 26.24 -26.17 22.95
N TYR B 27 25.56 -25.09 23.39
CA TYR B 27 26.13 -24.13 24.32
C TYR B 27 26.25 -24.76 25.71
N GLU B 28 25.40 -25.73 26.05
CA GLU B 28 25.49 -26.41 27.34
C GLU B 28 26.92 -26.90 27.58
N SER B 29 27.70 -27.16 26.51
CA SER B 29 29.06 -27.67 26.61
C SER B 29 30.06 -26.56 26.88
N HIS B 30 29.64 -25.31 26.67
CA HIS B 30 30.55 -24.18 26.68
C HIS B 30 31.09 -24.02 28.10
N VAL B 31 32.42 -24.12 28.26
CA VAL B 31 33.02 -23.63 29.49
C VAL B 31 33.31 -22.15 29.29
N VAL B 32 33.10 -21.37 30.37
CA VAL B 32 33.08 -19.91 30.32
C VAL B 32 34.47 -19.37 30.69
N GLU B 33 34.95 -18.39 29.90
CA GLU B 33 36.22 -17.73 30.13
C GLU B 33 36.07 -16.50 31.01
N TRP B 34 36.35 -16.65 32.32
CA TRP B 34 36.19 -15.56 33.27
C TRP B 34 37.37 -14.60 33.18
N GLY B 35 37.03 -13.30 33.14
CA GLY B 35 38.00 -12.25 33.32
C GLY B 35 38.23 -12.00 34.80
N ASN B 36 39.11 -11.02 35.06
CA ASN B 36 39.44 -10.53 36.37
C ASN B 36 38.43 -9.45 36.75
N GLN B 37 37.66 -9.69 37.81
CA GLN B 37 36.62 -8.77 38.24
C GLN B 37 37.19 -7.44 38.72
N ASP B 38 38.47 -7.41 39.13
CA ASP B 38 39.09 -6.19 39.63
C ASP B 38 39.52 -5.26 38.50
N ASP B 39 39.23 -5.60 37.25
CA ASP B 39 39.47 -4.67 36.15
C ASP B 39 38.36 -3.62 36.10
N TYR B 40 37.24 -3.87 36.80
CA TYR B 40 36.04 -3.05 36.67
C TYR B 40 35.65 -2.45 38.02
N GLN B 41 35.35 -1.15 37.99
CA GLN B 41 34.76 -0.47 39.13
C GLN B 41 33.45 0.15 38.65
N LEU B 42 32.39 -0.08 39.43
CA LEU B 42 31.07 0.42 39.06
C LEU B 42 31.01 1.89 39.43
N VAL B 43 30.47 2.69 38.49
CA VAL B 43 30.35 4.12 38.66
C VAL B 43 28.94 4.44 39.16
N ARG B 44 27.93 4.01 38.40
CA ARG B 44 26.55 4.39 38.70
C ARG B 44 25.58 3.37 38.10
N LYS B 45 24.38 3.28 38.66
CA LYS B 45 23.38 2.35 38.17
C LYS B 45 22.65 2.95 36.99
N LEU B 46 22.37 2.16 35.96
CA LEU B 46 21.66 2.62 34.77
C LEU B 46 20.23 2.07 34.71
N GLY B 47 19.99 0.91 35.33
CA GLY B 47 18.72 0.22 35.16
C GLY B 47 18.65 -1.02 36.03
N ARG B 48 17.46 -1.33 36.56
CA ARG B 48 17.12 -2.67 36.97
C ARG B 48 16.44 -3.32 35.78
N GLY B 49 16.25 -4.63 35.84
CA GLY B 49 15.48 -5.35 34.85
C GLY B 49 15.02 -6.69 35.42
N LYS B 50 14.36 -7.51 34.60
CA LYS B 50 13.71 -8.72 35.08
C LYS B 50 14.75 -9.62 35.76
N TYR B 51 15.93 -9.76 35.14
CA TYR B 51 16.91 -10.80 35.49
C TYR B 51 18.30 -10.22 35.81
N SER B 52 18.42 -8.90 35.96
CA SER B 52 19.73 -8.29 35.99
C SER B 52 19.65 -6.86 36.50
N GLU B 53 20.82 -6.35 36.92
CA GLU B 53 20.98 -4.94 37.25
C GLU B 53 22.12 -4.37 36.43
N VAL B 54 21.88 -3.22 35.80
CA VAL B 54 22.79 -2.71 34.79
C VAL B 54 23.53 -1.50 35.35
N PHE B 55 24.85 -1.51 35.22
CA PHE B 55 25.67 -0.43 35.74
C PHE B 55 26.59 0.09 34.64
N GLU B 56 26.90 1.39 34.71
CA GLU B 56 28.06 1.95 34.07
C GLU B 56 29.26 1.65 34.95
N ALA B 57 30.34 1.16 34.34
CA ALA B 57 31.60 0.95 35.06
C ALA B 57 32.78 1.42 34.22
N ILE B 58 33.90 1.57 34.88
CA ILE B 58 35.14 1.88 34.19
C ILE B 58 36.07 0.68 34.32
N ASN B 59 36.67 0.30 33.17
CA ASN B 59 37.75 -0.68 33.15
C ASN B 59 39.04 0.04 33.52
N ILE B 60 39.59 -0.26 34.72
CA ILE B 60 40.68 0.53 35.28
C ILE B 60 41.99 0.27 34.54
N THR B 61 42.07 -0.88 33.85
CA THR B 61 43.20 -1.28 33.02
C THR B 61 43.52 -0.22 31.97
N ASN B 62 42.49 0.15 31.18
CA ASN B 62 42.66 0.99 30.02
C ASN B 62 41.78 2.24 30.06
N ASN B 63 41.11 2.49 31.20
CA ASN B 63 40.23 3.65 31.37
C ASN B 63 39.04 3.65 30.40
N GLU B 64 38.62 2.50 29.87
CA GLU B 64 37.48 2.49 28.96
C GLU B 64 36.17 2.42 29.75
N LYS B 65 35.20 3.23 29.32
CA LYS B 65 33.81 3.17 29.79
C LYS B 65 33.16 1.88 29.29
N VAL B 66 32.32 1.29 30.14
CA VAL B 66 31.84 -0.08 29.92
C VAL B 66 30.47 -0.24 30.59
N VAL B 67 29.68 -1.24 30.17
CA VAL B 67 28.39 -1.48 30.80
C VAL B 67 28.33 -2.89 31.37
N VAL B 68 28.10 -2.98 32.69
CA VAL B 68 28.11 -4.24 33.41
C VAL B 68 26.67 -4.69 33.70
N LYS B 69 26.33 -5.92 33.29
CA LYS B 69 25.03 -6.53 33.56
C LYS B 69 25.20 -7.63 34.61
N ILE B 70 24.98 -7.27 35.87
CA ILE B 70 25.08 -8.22 36.97
C ILE B 70 23.83 -9.09 37.00
N LEU B 71 24.01 -10.39 36.76
CA LEU B 71 22.89 -11.30 36.60
C LEU B 71 22.30 -11.70 37.95
N LYS B 72 20.96 -11.64 38.01
CA LYS B 72 20.19 -12.35 39.02
C LYS B 72 20.24 -13.85 38.73
N PRO B 73 19.92 -14.72 39.71
CA PRO B 73 19.94 -16.16 39.49
C PRO B 73 19.19 -16.62 38.24
N VAL B 74 19.93 -17.04 37.21
CA VAL B 74 19.35 -17.76 36.07
C VAL B 74 20.07 -19.10 35.90
N LYS B 75 19.39 -20.04 35.24
CA LYS B 75 19.93 -21.35 34.97
C LYS B 75 21.27 -21.15 34.25
N LYS B 76 22.33 -21.84 34.72
CA LYS B 76 23.64 -21.73 34.10
C LYS B 76 23.54 -21.90 32.58
N LYS B 77 22.72 -22.86 32.13
CA LYS B 77 22.61 -23.18 30.71
C LYS B 77 22.18 -21.94 29.94
N LYS B 78 21.30 -21.10 30.50
CA LYS B 78 20.83 -19.92 29.80
C LYS B 78 21.90 -18.82 29.81
N ILE B 79 22.78 -18.82 30.81
CA ILE B 79 23.89 -17.86 30.81
C ILE B 79 24.86 -18.27 29.71
N LYS B 80 25.22 -19.56 29.70
CA LYS B 80 26.06 -20.11 28.66
C LYS B 80 25.49 -19.76 27.30
N ARG B 81 24.17 -19.87 27.16
CA ARG B 81 23.47 -19.56 25.92
C ARG B 81 23.67 -18.11 25.49
N GLU B 82 23.39 -17.16 26.39
CA GLU B 82 23.58 -15.76 26.09
C GLU B 82 25.05 -15.51 25.73
N ILE B 83 25.95 -16.14 26.49
CA ILE B 83 27.35 -15.88 26.30
C ILE B 83 27.77 -16.43 24.94
N LYS B 84 27.35 -17.66 24.63
CA LYS B 84 27.83 -18.30 23.42
C LYS B 84 27.38 -17.49 22.21
N ILE B 85 26.14 -17.03 22.25
CA ILE B 85 25.56 -16.30 21.14
C ILE B 85 26.36 -15.02 20.90
N LEU B 86 26.66 -14.28 21.97
CA LEU B 86 27.45 -13.05 21.89
C LEU B 86 28.84 -13.33 21.32
N GLU B 87 29.49 -14.38 21.80
CA GLU B 87 30.82 -14.73 21.30
C GLU B 87 30.73 -15.06 19.81
N ASN B 88 29.71 -15.85 19.41
CA ASN B 88 29.56 -16.23 18.03
C ASN B 88 29.33 -15.00 17.15
N LEU B 89 28.57 -14.01 17.65
CA LEU B 89 28.15 -12.86 16.86
C LEU B 89 29.16 -11.70 16.93
N ARG B 90 30.20 -11.81 17.77
CA ARG B 90 31.15 -10.72 17.97
C ARG B 90 31.72 -10.26 16.63
N GLY B 91 31.72 -8.93 16.44
CA GLY B 91 32.28 -8.32 15.26
C GLY B 91 31.27 -8.17 14.14
N GLY B 92 30.10 -8.81 14.29
CA GLY B 92 29.04 -8.69 13.31
C GLY B 92 28.44 -7.28 13.30
N PRO B 93 27.82 -6.86 12.17
CA PRO B 93 27.30 -5.50 12.04
C PRO B 93 26.21 -5.16 13.05
N ASN B 94 26.47 -4.10 13.83
CA ASN B 94 25.52 -3.47 14.73
C ASN B 94 25.14 -4.45 15.84
N ILE B 95 26.03 -5.39 16.15
CA ILE B 95 25.84 -6.29 17.28
C ILE B 95 26.67 -5.80 18.45
N ILE B 96 26.05 -5.73 19.63
CA ILE B 96 26.77 -5.31 20.82
C ILE B 96 27.93 -6.27 21.10
N THR B 97 29.07 -5.71 21.50
CA THR B 97 30.24 -6.51 21.80
C THR B 97 30.24 -6.92 23.27
N LEU B 98 30.41 -8.22 23.52
CA LEU B 98 30.67 -8.71 24.85
C LEU B 98 32.15 -8.59 25.12
N ALA B 99 32.53 -7.71 26.03
CA ALA B 99 33.93 -7.37 26.28
C ALA B 99 34.59 -8.36 27.22
N ASP B 100 33.80 -8.90 28.15
CA ASP B 100 34.37 -9.71 29.22
C ASP B 100 33.24 -10.35 30.01
N ILE B 101 33.62 -11.25 30.94
CA ILE B 101 32.68 -11.94 31.81
C ILE B 101 33.36 -12.14 33.16
N VAL B 102 32.73 -11.70 34.25
CA VAL B 102 33.39 -11.73 35.54
C VAL B 102 32.45 -12.31 36.58
N LYS B 103 33.02 -12.78 37.68
CA LYS B 103 32.26 -13.36 38.78
C LYS B 103 32.81 -12.75 40.04
N ASP B 104 31.92 -12.34 40.96
CA ASP B 104 32.34 -11.93 42.30
C ASP B 104 32.99 -13.14 42.99
N PRO B 105 34.18 -13.00 43.61
CA PRO B 105 34.82 -14.15 44.25
C PRO B 105 33.99 -14.62 45.46
N VAL B 106 33.36 -13.69 46.19
CA VAL B 106 32.62 -14.06 47.38
C VAL B 106 31.17 -14.40 47.01
N SER B 107 30.41 -13.47 46.41
CA SER B 107 28.97 -13.65 46.25
C SER B 107 28.65 -14.53 45.02
N ARG B 108 29.67 -14.79 44.19
CA ARG B 108 29.64 -15.79 43.13
C ARG B 108 28.57 -15.44 42.10
N THR B 109 28.14 -14.17 42.06
CA THR B 109 27.19 -13.74 41.05
C THR B 109 27.97 -13.40 39.77
N PRO B 110 27.53 -13.87 38.58
CA PRO B 110 28.18 -13.52 37.33
C PRO B 110 27.74 -12.16 36.76
N ALA B 111 28.60 -11.55 35.96
CA ALA B 111 28.31 -10.24 35.38
C ALA B 111 28.85 -10.17 33.96
N LEU B 112 28.01 -9.86 32.98
CA LEU B 112 28.48 -9.69 31.62
C LEU B 112 28.93 -8.24 31.44
N VAL B 113 30.12 -8.05 30.84
CA VAL B 113 30.62 -6.70 30.56
C VAL B 113 30.52 -6.42 29.06
N PHE B 114 29.89 -5.27 28.73
CA PHE B 114 29.55 -4.91 27.38
C PHE B 114 30.24 -3.61 26.96
N GLU B 115 30.37 -3.39 25.65
CA GLU B 115 30.77 -2.09 25.13
C GLU B 115 29.72 -1.07 25.54
N HIS B 116 30.15 0.18 25.77
CA HIS B 116 29.27 1.30 26.10
C HIS B 116 28.84 2.00 24.81
N VAL B 117 27.53 2.26 24.69
CA VAL B 117 26.97 3.06 23.62
C VAL B 117 26.38 4.31 24.26
N ASN B 118 26.76 5.49 23.74
CA ASN B 118 26.22 6.73 24.27
C ASN B 118 24.82 6.92 23.70
N ASN B 119 23.84 6.23 24.29
CA ASN B 119 22.52 6.09 23.71
C ASN B 119 21.67 7.31 24.08
N THR B 120 21.00 7.86 23.06
CA THR B 120 20.08 8.99 23.20
C THR B 120 18.76 8.49 23.78
N ASP B 121 18.16 9.34 24.64
CA ASP B 121 16.96 9.06 25.39
C ASP B 121 15.82 8.70 24.43
N PHE B 122 15.18 7.54 24.65
CA PHE B 122 14.31 6.92 23.65
C PHE B 122 13.05 7.77 23.42
N LYS B 123 12.65 8.51 24.46
CA LYS B 123 11.53 9.43 24.38
C LYS B 123 11.88 10.57 23.43
N GLN B 124 12.98 11.27 23.70
CA GLN B 124 13.38 12.46 22.96
C GLN B 124 13.77 12.11 21.52
N LEU B 125 14.34 10.92 21.30
CA LEU B 125 14.82 10.53 19.98
C LEU B 125 13.67 10.20 19.05
N TYR B 126 12.76 9.31 19.49
CA TYR B 126 11.66 8.81 18.65
C TYR B 126 10.63 9.92 18.36
N GLN B 127 10.96 11.17 18.72
CA GLN B 127 10.14 12.33 18.39
C GLN B 127 10.80 13.21 17.34
N THR B 128 12.14 13.23 17.29
CA THR B 128 12.88 14.08 16.36
C THR B 128 13.20 13.33 15.08
N LEU B 129 12.97 12.00 15.08
CA LEU B 129 13.38 11.15 13.96
C LEU B 129 12.65 11.60 12.71
N THR B 130 13.42 11.99 11.68
CA THR B 130 12.87 12.29 10.38
C THR B 130 12.58 10.97 9.68
N ASP B 131 11.97 11.07 8.50
CA ASP B 131 11.64 9.91 7.69
C ASP B 131 12.94 9.20 7.31
N TYR B 132 13.96 9.97 6.94
CA TYR B 132 15.27 9.43 6.56
C TYR B 132 15.90 8.68 7.74
N ASP B 133 15.85 9.28 8.93
CA ASP B 133 16.43 8.66 10.10
C ASP B 133 15.82 7.28 10.33
N ILE B 134 14.49 7.17 10.23
CA ILE B 134 13.84 5.89 10.46
C ILE B 134 14.33 4.87 9.44
N ARG B 135 14.39 5.27 8.15
CA ARG B 135 14.86 4.38 7.12
C ARG B 135 16.29 3.94 7.43
N PHE B 136 17.15 4.92 7.72
CA PHE B 136 18.54 4.66 8.06
C PHE B 136 18.64 3.63 9.18
N TYR B 137 17.96 3.89 10.30
CA TYR B 137 18.13 3.05 11.48
C TYR B 137 17.45 1.70 11.28
N MET B 138 16.39 1.66 10.46
CA MET B 138 15.75 0.39 10.17
C MET B 138 16.72 -0.45 9.33
N TYR B 139 17.41 0.21 8.39
CA TYR B 139 18.40 -0.49 7.59
C TYR B 139 19.48 -1.04 8.51
N GLU B 140 19.93 -0.24 9.49
CA GLU B 140 20.98 -0.68 10.39
C GLU B 140 20.49 -1.89 11.19
N ILE B 141 19.24 -1.87 11.65
CA ILE B 141 18.74 -2.97 12.46
C ILE B 141 18.77 -4.25 11.63
N LEU B 142 18.39 -4.12 10.34
CA LEU B 142 18.25 -5.26 9.44
C LEU B 142 19.62 -5.91 9.18
N LYS B 143 20.68 -5.09 9.07
CA LYS B 143 22.03 -5.60 9.00
C LYS B 143 22.29 -6.56 10.16
N ALA B 144 21.86 -6.18 11.36
CA ALA B 144 22.11 -6.99 12.54
C ALA B 144 21.27 -8.25 12.49
N LEU B 145 20.01 -8.12 12.09
CA LEU B 145 19.10 -9.26 12.07
C LEU B 145 19.51 -10.26 10.99
N ASP B 146 19.88 -9.76 9.81
CA ASP B 146 20.32 -10.64 8.74
C ASP B 146 21.60 -11.36 9.16
N TYR B 147 22.53 -10.62 9.76
CA TYR B 147 23.79 -11.22 10.20
C TYR B 147 23.47 -12.35 11.20
N CYS B 148 22.75 -12.02 12.29
CA CYS B 148 22.53 -13.00 13.33
C CYS B 148 21.74 -14.18 12.78
N HIS B 149 20.78 -13.93 11.89
CA HIS B 149 20.01 -15.01 11.29
C HIS B 149 20.92 -15.87 10.40
N SER B 150 21.82 -15.23 9.64
CA SER B 150 22.72 -15.97 8.78
C SER B 150 23.66 -16.82 9.63
N MET B 151 23.87 -16.41 10.89
CA MET B 151 24.68 -17.14 11.84
C MET B 151 23.82 -18.09 12.70
N GLY B 152 22.57 -18.30 12.31
CA GLY B 152 21.77 -19.38 12.88
C GLY B 152 21.12 -19.05 14.23
N ILE B 153 21.00 -17.75 14.49
CA ILE B 153 20.56 -17.20 15.76
C ILE B 153 19.31 -16.37 15.52
N MET B 154 18.28 -16.54 16.34
CA MET B 154 17.16 -15.63 16.34
C MET B 154 17.16 -14.88 17.68
N HIS B 155 16.85 -13.59 17.62
CA HIS B 155 16.99 -12.68 18.75
C HIS B 155 15.83 -12.88 19.73
N ARG B 156 14.61 -12.82 19.20
CA ARG B 156 13.38 -13.17 19.92
C ARG B 156 12.94 -12.08 20.92
N ASP B 157 13.58 -10.91 20.92
CA ASP B 157 13.13 -9.82 21.80
C ASP B 157 13.51 -8.49 21.15
N VAL B 158 13.27 -8.38 19.84
CA VAL B 158 13.49 -7.13 19.14
C VAL B 158 12.36 -6.18 19.53
N LYS B 159 12.77 -4.97 19.96
CA LYS B 159 11.87 -3.93 20.39
C LYS B 159 12.70 -2.68 20.69
N PRO B 160 12.08 -1.50 20.78
CA PRO B 160 12.82 -0.24 20.91
C PRO B 160 13.91 -0.24 21.98
N HIS B 161 13.59 -0.77 23.17
CA HIS B 161 14.49 -0.66 24.31
C HIS B 161 15.73 -1.54 24.14
N ASN B 162 15.69 -2.53 23.24
CA ASN B 162 16.85 -3.35 22.96
C ASN B 162 17.60 -2.86 21.73
N VAL B 163 17.34 -1.62 21.29
CA VAL B 163 18.14 -0.99 20.25
C VAL B 163 18.77 0.26 20.83
N MET B 164 20.10 0.28 20.92
CA MET B 164 20.83 1.44 21.40
C MET B 164 21.20 2.28 20.18
N ILE B 165 20.91 3.58 20.22
CA ILE B 165 21.26 4.46 19.14
C ILE B 165 22.03 5.68 19.67
N ASP B 166 23.26 5.84 19.19
CA ASP B 166 24.00 7.08 19.36
C ASP B 166 23.75 7.96 18.13
N HIS B 167 22.75 8.85 18.23
CA HIS B 167 22.31 9.65 17.10
C HIS B 167 23.45 10.52 16.60
N GLU B 168 24.23 11.09 17.53
CA GLU B 168 25.38 11.92 17.21
C GLU B 168 26.29 11.23 16.19
N HIS B 169 26.59 9.94 16.39
CA HIS B 169 27.51 9.20 15.54
C HIS B 169 26.79 8.21 14.62
N ARG B 170 25.46 8.36 14.50
CA ARG B 170 24.65 7.60 13.57
C ARG B 170 24.99 6.12 13.69
N LYS B 171 25.03 5.65 14.94
CA LYS B 171 25.58 4.34 15.28
C LYS B 171 24.56 3.58 16.11
N LEU B 172 24.32 2.32 15.73
CA LEU B 172 23.23 1.55 16.32
C LEU B 172 23.75 0.18 16.72
N ARG B 173 23.31 -0.28 17.90
CA ARG B 173 23.68 -1.60 18.41
C ARG B 173 22.41 -2.31 18.85
N LEU B 174 22.21 -3.54 18.35
CA LEU B 174 21.15 -4.40 18.85
C LEU B 174 21.66 -5.12 20.09
N ILE B 175 21.02 -4.89 21.23
CA ILE B 175 21.52 -5.39 22.50
C ILE B 175 20.59 -6.47 23.06
N ASP B 176 20.98 -6.95 24.25
CA ASP B 176 20.19 -7.82 25.10
C ASP B 176 19.88 -9.13 24.40
N TRP B 177 20.87 -10.04 24.41
CA TRP B 177 20.77 -11.29 23.68
C TRP B 177 20.34 -12.44 24.58
N GLY B 178 19.75 -12.09 25.73
CA GLY B 178 19.44 -13.07 26.76
C GLY B 178 18.28 -14.00 26.41
N LEU B 179 17.46 -13.64 25.41
CA LEU B 179 16.35 -14.49 24.97
C LEU B 179 16.66 -15.14 23.62
N ALA B 180 17.79 -14.75 23.01
CA ALA B 180 18.17 -15.28 21.71
C ALA B 180 18.38 -16.79 21.78
N GLU B 181 18.18 -17.46 20.64
CA GLU B 181 18.29 -18.91 20.59
C GLU B 181 18.79 -19.34 19.21
N PHE B 182 19.36 -20.55 19.13
CA PHE B 182 19.83 -21.14 17.88
C PHE B 182 18.67 -21.78 17.12
N TYR B 183 18.62 -21.50 15.81
CA TYR B 183 17.56 -22.07 14.98
C TYR B 183 17.95 -23.47 14.56
N HIS B 184 17.11 -24.45 14.90
CA HIS B 184 17.30 -25.81 14.42
C HIS B 184 16.02 -26.25 13.71
N PRO B 185 16.11 -26.74 12.45
CA PRO B 185 14.92 -27.23 11.75
C PRO B 185 14.22 -28.27 12.61
N GLY B 186 12.94 -28.06 12.87
CA GLY B 186 12.14 -29.08 13.54
C GLY B 186 11.98 -28.86 15.03
N GLN B 187 12.75 -27.91 15.59
CA GLN B 187 12.72 -27.67 17.02
C GLN B 187 11.47 -26.88 17.38
N GLU B 188 10.88 -27.26 18.53
CA GLU B 188 9.75 -26.59 19.12
C GLU B 188 10.26 -25.72 20.25
N TYR B 189 10.09 -24.40 20.09
CA TYR B 189 10.63 -23.41 21.01
C TYR B 189 9.54 -23.00 21.98
N ASN B 190 9.98 -22.31 23.05
CA ASN B 190 9.10 -21.66 24.00
C ASN B 190 8.42 -20.49 23.32
N VAL B 191 7.10 -20.38 23.48
CA VAL B 191 6.37 -19.24 22.94
C VAL B 191 6.39 -18.08 23.95
N ARG B 192 6.59 -18.39 25.24
CA ARG B 192 6.69 -17.37 26.28
C ARG B 192 8.04 -16.64 26.12
N VAL B 193 8.18 -15.89 25.03
CA VAL B 193 9.34 -15.03 24.81
C VAL B 193 8.84 -13.74 24.19
N ALA B 194 9.75 -12.77 24.08
CA ALA B 194 9.47 -11.45 23.52
C ALA B 194 8.51 -10.73 24.46
N SER B 195 8.32 -9.43 24.21
CA SER B 195 7.44 -8.61 25.02
C SER B 195 6.08 -8.49 24.34
N ARG B 196 5.02 -8.30 25.15
CA ARG B 196 3.65 -8.53 24.71
C ARG B 196 3.32 -7.86 23.38
N TYR B 197 3.64 -6.58 23.24
CA TYR B 197 3.22 -5.80 22.09
C TYR B 197 3.98 -6.22 20.82
N PHE B 198 5.05 -7.01 21.00
CA PHE B 198 5.94 -7.38 19.91
C PHE B 198 5.86 -8.87 19.58
N LYS B 199 5.00 -9.61 20.30
CA LYS B 199 4.84 -11.04 20.04
C LYS B 199 4.23 -11.26 18.66
N GLY B 200 4.87 -12.11 17.85
CA GLY B 200 4.30 -12.60 16.61
C GLY B 200 3.06 -13.46 16.87
N PRO B 201 2.12 -13.55 15.91
CA PRO B 201 0.96 -14.42 16.02
C PRO B 201 1.29 -15.85 16.45
N GLU B 202 2.39 -16.38 15.90
CA GLU B 202 2.80 -17.74 16.16
C GLU B 202 2.94 -17.97 17.67
N LEU B 203 3.43 -16.95 18.40
CA LEU B 203 3.58 -17.08 19.84
C LEU B 203 2.20 -17.09 20.49
N LEU B 204 1.32 -16.23 20.00
CA LEU B 204 0.03 -16.00 20.64
C LEU B 204 -0.91 -17.20 20.45
N VAL B 205 -0.73 -17.95 19.34
CA VAL B 205 -1.56 -19.10 19.04
C VAL B 205 -0.86 -20.41 19.44
N ASP B 206 0.34 -20.28 19.99
CA ASP B 206 1.13 -21.40 20.48
C ASP B 206 1.54 -22.32 19.33
N TYR B 207 2.14 -21.73 18.28
CA TYR B 207 2.82 -22.50 17.25
C TYR B 207 4.31 -22.44 17.55
N GLN B 208 4.88 -23.59 17.93
CA GLN B 208 6.19 -23.63 18.57
C GLN B 208 7.32 -23.75 17.56
N MET B 209 6.99 -24.08 16.30
CA MET B 209 8.02 -24.47 15.34
C MET B 209 8.35 -23.25 14.50
N TYR B 210 8.73 -22.18 15.21
CA TYR B 210 8.90 -20.86 14.63
C TYR B 210 10.39 -20.65 14.37
N ASP B 211 10.75 -19.46 13.85
CA ASP B 211 12.08 -19.29 13.29
C ASP B 211 12.44 -17.80 13.25
N TYR B 212 13.52 -17.50 12.53
CA TYR B 212 14.03 -16.15 12.39
C TYR B 212 12.91 -15.16 12.05
N SER B 213 11.89 -15.62 11.32
CA SER B 213 10.83 -14.74 10.84
C SER B 213 10.10 -14.08 12.01
N LEU B 214 10.20 -14.67 13.20
CA LEU B 214 9.65 -14.05 14.41
C LEU B 214 10.20 -12.65 14.59
N ASP B 215 11.50 -12.46 14.35
CA ASP B 215 12.14 -11.18 14.56
C ASP B 215 11.56 -10.13 13.62
N MET B 216 11.14 -10.57 12.42
CA MET B 216 10.68 -9.67 11.39
C MET B 216 9.28 -9.15 11.72
N TRP B 217 8.46 -10.00 12.34
CA TRP B 217 7.21 -9.50 12.90
C TRP B 217 7.51 -8.34 13.86
N SER B 218 8.38 -8.60 14.85
CA SER B 218 8.66 -7.60 15.87
C SER B 218 9.21 -6.33 15.21
N LEU B 219 10.09 -6.48 14.21
CA LEU B 219 10.58 -5.31 13.48
C LEU B 219 9.40 -4.54 12.88
N GLY B 220 8.41 -5.28 12.33
CA GLY B 220 7.22 -4.66 11.77
C GLY B 220 6.51 -3.77 12.79
N CYS B 221 6.32 -4.31 14.00
CA CYS B 221 5.68 -3.60 15.10
C CYS B 221 6.41 -2.30 15.43
N MET B 222 7.74 -2.37 15.50
CA MET B 222 8.59 -1.21 15.73
C MET B 222 8.34 -0.17 14.65
N LEU B 223 8.41 -0.61 13.38
CA LEU B 223 8.31 0.29 12.24
C LEU B 223 6.96 1.00 12.28
N ALA B 224 5.91 0.20 12.44
CA ALA B 224 4.56 0.71 12.53
C ALA B 224 4.50 1.88 13.52
N SER B 225 5.00 1.66 14.74
CA SER B 225 4.89 2.66 15.79
C SER B 225 5.69 3.91 15.47
N MET B 226 6.84 3.74 14.78
CA MET B 226 7.70 4.86 14.45
C MET B 226 7.06 5.75 13.38
N ILE B 227 6.54 5.13 12.31
CA ILE B 227 5.99 5.91 11.21
C ILE B 227 4.60 6.46 11.55
N PHE B 228 3.83 5.75 12.39
CA PHE B 228 2.49 6.19 12.75
C PHE B 228 2.48 7.00 14.05
N ARG B 229 3.63 7.05 14.75
CA ARG B 229 3.73 7.69 16.06
C ARG B 229 2.64 7.15 16.97
N LYS B 230 2.67 5.82 17.14
CA LYS B 230 1.78 5.12 18.03
C LYS B 230 2.57 4.00 18.71
N GLU B 231 2.97 4.29 19.96
CA GLU B 231 3.77 3.41 20.81
C GLU B 231 2.90 2.94 21.97
N PRO B 232 2.56 1.63 22.11
CA PRO B 232 2.85 0.62 21.09
C PRO B 232 1.74 0.59 20.04
N PHE B 233 2.01 -0.08 18.92
CA PHE B 233 1.08 -0.09 17.80
C PHE B 233 -0.07 -1.07 18.05
N PHE B 234 0.24 -2.33 18.37
CA PHE B 234 -0.74 -3.29 18.84
C PHE B 234 -0.71 -3.33 20.37
N HIS B 235 -1.71 -2.70 20.99
CA HIS B 235 -1.70 -2.44 22.42
C HIS B 235 -2.72 -3.35 23.11
N GLY B 236 -2.37 -4.63 23.25
CA GLY B 236 -3.25 -5.58 23.92
C GLY B 236 -3.15 -5.51 25.43
N HIS B 237 -4.19 -5.99 26.11
CA HIS B 237 -4.29 -6.02 27.56
C HIS B 237 -3.66 -7.28 28.14
N ASP B 238 -3.45 -8.29 27.28
CA ASP B 238 -2.89 -9.58 27.66
C ASP B 238 -2.59 -10.31 26.36
N ASN B 239 -2.11 -11.56 26.45
CA ASN B 239 -1.68 -12.28 25.26
C ASN B 239 -2.87 -12.57 24.35
N TYR B 240 -4.07 -12.74 24.92
CA TYR B 240 -5.24 -13.04 24.11
C TYR B 240 -5.67 -11.78 23.35
N ASP B 241 -5.91 -10.71 24.10
CA ASP B 241 -6.34 -9.44 23.54
C ASP B 241 -5.29 -8.94 22.55
N GLN B 242 -4.03 -9.31 22.77
CA GLN B 242 -2.97 -8.92 21.86
C GLN B 242 -3.28 -9.43 20.46
N LEU B 243 -3.74 -10.68 20.35
CA LEU B 243 -4.04 -11.25 19.04
C LEU B 243 -5.30 -10.61 18.48
N VAL B 244 -6.22 -10.22 19.35
CA VAL B 244 -7.41 -9.50 18.93
C VAL B 244 -7.02 -8.16 18.30
N ARG B 245 -6.06 -7.47 18.91
CA ARG B 245 -5.67 -6.15 18.41
C ARG B 245 -5.11 -6.28 17.00
N ILE B 246 -4.27 -7.29 16.81
CA ILE B 246 -3.73 -7.64 15.50
C ILE B 246 -4.88 -7.95 14.56
N ALA B 247 -5.81 -8.80 15.02
CA ALA B 247 -6.90 -9.24 14.18
C ALA B 247 -7.72 -8.06 13.69
N LYS B 248 -7.86 -7.03 14.53
CA LYS B 248 -8.68 -5.86 14.19
C LYS B 248 -8.00 -5.02 13.10
N VAL B 249 -6.73 -5.31 12.78
CA VAL B 249 -6.01 -4.58 11.75
C VAL B 249 -5.80 -5.48 10.53
N LEU B 250 -5.18 -6.64 10.73
CA LEU B 250 -4.85 -7.57 9.65
C LEU B 250 -6.08 -8.35 9.18
N GLY B 251 -7.19 -8.29 9.92
CA GLY B 251 -8.39 -9.02 9.58
C GLY B 251 -8.36 -10.45 10.12
N THR B 252 -9.54 -11.05 10.34
CA THR B 252 -9.64 -12.39 10.90
C THR B 252 -9.58 -13.45 9.80
N GLU B 253 -9.83 -13.05 8.55
CA GLU B 253 -9.83 -14.00 7.46
C GLU B 253 -8.44 -14.62 7.30
N ASP B 254 -7.38 -13.80 7.31
CA ASP B 254 -6.05 -14.35 7.12
C ASP B 254 -5.59 -15.11 8.37
N LEU B 255 -6.07 -14.67 9.55
CA LEU B 255 -5.74 -15.38 10.78
C LEU B 255 -6.22 -16.82 10.65
N TYR B 256 -7.50 -17.00 10.30
CA TYR B 256 -8.11 -18.33 10.27
C TYR B 256 -7.51 -19.18 9.15
N ASP B 257 -7.21 -18.58 7.98
CA ASP B 257 -6.46 -19.30 6.95
C ASP B 257 -5.12 -19.78 7.50
N TYR B 258 -4.46 -18.93 8.31
CA TYR B 258 -3.17 -19.25 8.90
C TYR B 258 -3.28 -20.42 9.87
N ILE B 259 -4.32 -20.44 10.73
CA ILE B 259 -4.42 -21.54 11.69
C ILE B 259 -4.76 -22.81 10.91
N ASP B 260 -5.47 -22.67 9.79
CA ASP B 260 -5.89 -23.80 8.96
C ASP B 260 -4.68 -24.43 8.27
N LYS B 261 -3.83 -23.58 7.67
CA LYS B 261 -2.67 -24.05 6.93
C LYS B 261 -1.81 -24.95 7.82
N TYR B 262 -1.55 -24.50 9.05
CA TYR B 262 -0.64 -25.18 9.97
C TYR B 262 -1.40 -26.04 10.97
N ASN B 263 -2.69 -26.25 10.73
CA ASN B 263 -3.53 -27.12 11.56
C ASN B 263 -3.27 -26.85 13.04
N ILE B 264 -3.43 -25.58 13.43
CA ILE B 264 -3.14 -25.12 14.77
C ILE B 264 -4.38 -25.31 15.65
N GLU B 265 -4.18 -25.95 16.81
CA GLU B 265 -5.20 -26.04 17.83
C GLU B 265 -5.26 -24.69 18.53
N LEU B 266 -6.42 -24.04 18.44
CA LEU B 266 -6.59 -22.70 18.96
C LEU B 266 -7.24 -22.77 20.33
N ASP B 267 -6.62 -22.12 21.30
CA ASP B 267 -7.12 -22.05 22.66
C ASP B 267 -8.61 -21.70 22.61
N PRO B 268 -9.51 -22.45 23.29
CA PRO B 268 -10.96 -22.21 23.20
C PRO B 268 -11.40 -20.83 23.70
N ARG B 269 -10.59 -20.23 24.58
CA ARG B 269 -10.71 -18.83 24.99
C ARG B 269 -10.93 -17.96 23.75
N PHE B 270 -9.97 -18.02 22.81
CA PHE B 270 -9.95 -17.16 21.63
C PHE B 270 -11.24 -17.20 20.82
N ASN B 271 -11.97 -18.31 20.87
CA ASN B 271 -13.08 -18.54 19.97
C ASN B 271 -14.16 -17.48 20.18
N ASP B 272 -14.31 -16.95 21.40
CA ASP B 272 -15.36 -15.97 21.64
C ASP B 272 -14.87 -14.53 21.44
N ILE B 273 -13.57 -14.24 21.50
CA ILE B 273 -13.11 -12.85 21.51
C ILE B 273 -12.55 -12.39 20.17
N LEU B 274 -12.29 -13.31 19.23
CA LEU B 274 -11.64 -12.91 17.99
C LEU B 274 -12.66 -12.27 17.05
N GLY B 275 -13.85 -12.85 17.00
CA GLY B 275 -14.91 -12.27 16.19
C GLY B 275 -14.57 -12.31 14.70
N ARG B 276 -15.13 -11.34 13.97
CA ARG B 276 -14.98 -11.17 12.53
C ARG B 276 -14.47 -9.75 12.27
N HIS B 277 -13.37 -9.60 11.53
CA HIS B 277 -12.78 -8.28 11.29
C HIS B 277 -12.21 -8.20 9.87
N SER B 278 -12.53 -7.10 9.19
CA SER B 278 -11.92 -6.78 7.90
C SER B 278 -10.45 -6.44 8.11
N ARG B 279 -9.66 -6.70 7.07
CA ARG B 279 -8.29 -6.20 7.03
C ARG B 279 -8.35 -4.70 6.72
N LYS B 280 -7.66 -3.91 7.54
CA LYS B 280 -7.75 -2.46 7.45
C LYS B 280 -6.67 -1.92 6.49
N ARG B 281 -6.94 -0.76 5.91
CA ARG B 281 -5.98 -0.06 5.09
C ARG B 281 -5.16 0.86 6.01
N TRP B 282 -3.86 0.92 5.73
CA TRP B 282 -2.93 1.64 6.60
C TRP B 282 -3.28 3.11 6.68
N GLU B 283 -4.02 3.63 5.70
CA GLU B 283 -4.44 5.04 5.73
C GLU B 283 -5.13 5.39 7.05
N ARG B 284 -5.82 4.42 7.68
CA ARG B 284 -6.54 4.64 8.92
C ARG B 284 -5.66 5.19 10.03
N PHE B 285 -4.37 4.86 9.96
CA PHE B 285 -3.43 5.19 11.01
C PHE B 285 -2.61 6.43 10.62
N VAL B 286 -3.05 7.18 9.59
CA VAL B 286 -2.32 8.32 9.08
C VAL B 286 -3.05 9.61 9.44
N HIS B 287 -2.32 10.60 9.96
CA HIS B 287 -2.85 11.85 10.48
C HIS B 287 -1.83 12.96 10.22
N SER B 288 -2.26 14.21 10.22
CA SER B 288 -1.38 15.34 9.92
C SER B 288 -0.06 15.23 10.69
N GLU B 289 -0.10 14.77 11.94
CA GLU B 289 1.07 14.82 12.80
C GLU B 289 2.12 13.79 12.40
N ASN B 290 1.71 12.68 11.74
CA ASN B 290 2.64 11.60 11.40
C ASN B 290 2.89 11.49 9.89
N GLN B 291 2.14 12.22 9.06
CA GLN B 291 2.12 12.07 7.62
C GLN B 291 3.54 12.09 7.03
N HIS B 292 4.37 13.01 7.54
CA HIS B 292 5.69 13.25 7.00
C HIS B 292 6.56 12.00 7.07
N LEU B 293 6.13 11.00 7.87
CA LEU B 293 6.86 9.75 8.03
C LEU B 293 6.25 8.64 7.18
N VAL B 294 5.01 8.82 6.70
CA VAL B 294 4.32 7.77 5.97
C VAL B 294 4.42 8.05 4.47
N SER B 295 4.69 6.97 3.73
CA SER B 295 4.85 7.01 2.29
C SER B 295 4.34 5.70 1.71
N PRO B 296 3.96 5.67 0.41
CA PRO B 296 3.61 4.42 -0.26
C PRO B 296 4.60 3.30 0.00
N GLU B 297 5.90 3.64 -0.04
CA GLU B 297 6.95 2.65 0.08
C GLU B 297 6.98 2.15 1.52
N ALA B 298 6.77 3.03 2.50
CA ALA B 298 6.82 2.60 3.89
C ALA B 298 5.71 1.59 4.17
N LEU B 299 4.53 1.88 3.59
CA LEU B 299 3.36 1.05 3.81
C LEU B 299 3.50 -0.29 3.08
N ASP B 300 4.09 -0.28 1.89
CA ASP B 300 4.34 -1.53 1.19
C ASP B 300 5.25 -2.39 2.07
N PHE B 301 6.35 -1.78 2.57
CA PHE B 301 7.34 -2.51 3.34
C PHE B 301 6.69 -3.08 4.59
N LEU B 302 5.97 -2.24 5.32
CA LEU B 302 5.31 -2.64 6.56
C LEU B 302 4.37 -3.82 6.30
N ASP B 303 3.55 -3.71 5.26
CA ASP B 303 2.57 -4.74 4.93
C ASP B 303 3.24 -6.11 4.87
N LYS B 304 4.44 -6.15 4.27
CA LYS B 304 5.15 -7.38 4.00
C LYS B 304 5.95 -7.89 5.19
N LEU B 305 6.02 -7.11 6.28
CA LEU B 305 6.57 -7.60 7.54
C LEU B 305 5.45 -8.23 8.36
N LEU B 306 4.32 -7.50 8.42
CA LEU B 306 3.22 -7.86 9.30
C LEU B 306 2.26 -8.83 8.61
N ARG B 307 2.67 -10.11 8.54
CA ARG B 307 1.90 -11.22 8.02
C ARG B 307 1.77 -12.28 9.12
N TYR B 308 0.55 -12.82 9.29
CA TYR B 308 0.31 -13.94 10.18
C TYR B 308 1.26 -15.08 9.84
N ASP B 309 1.22 -15.52 8.58
CA ASP B 309 2.04 -16.64 8.14
C ASP B 309 3.51 -16.23 8.14
N HIS B 310 4.26 -16.80 9.09
CA HIS B 310 5.68 -16.51 9.29
C HIS B 310 6.49 -16.81 8.04
N GLN B 311 6.10 -17.83 7.27
CA GLN B 311 6.87 -18.19 6.08
C GLN B 311 6.74 -17.12 4.99
N SER B 312 5.74 -16.24 5.07
CA SER B 312 5.47 -15.31 3.97
C SER B 312 5.93 -13.88 4.30
N ARG B 313 6.54 -13.66 5.47
CA ARG B 313 7.10 -12.36 5.83
C ARG B 313 8.40 -12.16 5.08
N LEU B 314 8.85 -10.92 4.94
CA LEU B 314 10.14 -10.66 4.33
C LEU B 314 11.24 -11.26 5.20
N THR B 315 12.27 -11.80 4.55
CA THR B 315 13.55 -12.01 5.18
C THR B 315 14.21 -10.64 5.36
N ALA B 316 15.06 -10.57 6.38
CA ALA B 316 16.00 -9.47 6.57
C ALA B 316 16.58 -9.01 5.24
N ARG B 317 17.13 -9.94 4.45
CA ARG B 317 17.88 -9.57 3.26
C ARG B 317 16.93 -9.00 2.21
N GLU B 318 15.72 -9.58 2.14
CA GLU B 318 14.69 -9.12 1.23
C GLU B 318 14.25 -7.70 1.62
N ALA B 319 14.02 -7.52 2.93
CA ALA B 319 13.67 -6.22 3.51
C ALA B 319 14.72 -5.19 3.12
N MET B 320 16.00 -5.57 3.19
CA MET B 320 17.08 -4.65 2.89
C MET B 320 17.09 -4.26 1.41
N GLU B 321 16.34 -4.98 0.56
CA GLU B 321 16.32 -4.71 -0.87
C GLU B 321 15.08 -3.92 -1.27
N HIS B 322 14.19 -3.65 -0.30
CA HIS B 322 12.95 -2.93 -0.55
C HIS B 322 13.22 -1.48 -0.97
N PRO B 323 12.38 -0.89 -1.85
CA PRO B 323 12.51 0.51 -2.26
C PRO B 323 12.57 1.55 -1.14
N TYR B 324 11.98 1.24 0.02
CA TYR B 324 11.99 2.14 1.16
C TYR B 324 13.43 2.51 1.55
N PHE B 325 14.42 1.66 1.22
CA PHE B 325 15.80 1.92 1.60
C PHE B 325 16.66 2.34 0.41
N TYR B 326 16.07 2.71 -0.73
CA TYR B 326 16.88 2.98 -1.92
C TYR B 326 17.78 4.19 -1.68
N THR B 327 17.24 5.25 -1.04
CA THR B 327 18.03 6.45 -0.79
C THR B 327 19.14 6.12 0.20
N VAL B 328 18.84 5.25 1.20
CA VAL B 328 19.82 4.87 2.20
C VAL B 328 20.96 4.13 1.53
N VAL B 329 20.64 3.16 0.67
CA VAL B 329 21.63 2.33 0.01
C VAL B 329 22.52 3.21 -0.86
N LYS B 330 21.95 4.16 -1.61
CA LYS B 330 22.76 5.00 -2.49
C LYS B 330 23.71 5.85 -1.64
N ASP B 331 23.23 6.36 -0.50
CA ASP B 331 24.01 7.26 0.35
C ASP B 331 25.12 6.48 1.07
N GLN B 332 24.90 5.18 1.30
CA GLN B 332 25.87 4.32 1.98
C GLN B 332 27.07 4.06 1.07
N ALA B 333 26.83 4.10 -0.25
CA ALA B 333 27.87 3.82 -1.23
C ALA B 333 28.73 5.05 -1.48
N ARG B 334 28.10 6.21 -1.74
CA ARG B 334 28.82 7.46 -2.01
C ARG B 334 29.73 7.81 -0.84
N MET B 335 29.21 7.75 0.39
CA MET B 335 30.00 8.00 1.60
C MET B 335 31.07 6.91 1.76
S SO4 C . -37.16 8.07 -24.24
O1 SO4 C . -35.89 8.12 -23.55
O2 SO4 C . -37.66 9.42 -24.40
O3 SO4 C . -36.95 7.47 -25.53
O4 SO4 C . -38.11 7.27 -23.50
S SO4 D . -28.81 9.09 -19.79
O1 SO4 D . -27.66 9.48 -20.54
O2 SO4 D . -30.01 9.67 -20.35
O3 SO4 D . -28.91 7.66 -19.83
O4 SO4 D . -28.68 9.55 -18.42
S SO4 E . -32.81 21.62 -33.98
O1 SO4 E . -34.11 21.86 -33.42
O2 SO4 E . -32.76 22.10 -35.34
O3 SO4 E . -31.83 22.32 -33.19
O4 SO4 E . -32.54 20.20 -33.96
S SO4 F . -15.38 -0.10 -26.80
O1 SO4 F . -16.75 -0.54 -26.81
O2 SO4 F . -15.28 1.17 -27.48
O3 SO4 F . -14.95 0.03 -25.42
O4 SO4 F . -14.56 -1.06 -27.47
S SO4 G . 0.13 7.39 2.13
O1 SO4 G . -1.03 7.06 2.93
O2 SO4 G . -0.26 8.21 1.03
O3 SO4 G . 0.73 6.18 1.63
O4 SO4 G . 1.10 8.09 2.95
S SO4 H . -4.84 21.36 -23.78
O1 SO4 H . -4.84 22.56 -22.97
O2 SO4 H . -3.64 21.33 -24.59
O3 SO4 H . -4.87 20.20 -22.94
O4 SO4 H . -6.00 21.36 -24.63
S SO4 I . -11.34 -16.18 -2.58
O1 SO4 I . -11.46 -15.38 -1.39
O2 SO4 I . -11.64 -15.41 -3.78
O3 SO4 I . -10.00 -16.68 -2.69
O4 SO4 I . -12.26 -17.29 -2.50
S SO4 J . -10.44 -12.96 -16.41
O1 SO4 J . -10.81 -11.94 -15.45
O2 SO4 J . -10.79 -12.53 -17.73
O3 SO4 J . -9.02 -13.18 -16.33
O4 SO4 J . -11.14 -14.19 -16.11
C10 A1IG6 K . -11.19 10.97 -32.71
C12 A1IG6 K . -12.60 12.67 -31.51
N13 A1IG6 K . -13.51 12.99 -30.89
C14 A1IG6 K . -10.29 13.00 -32.55
C19 A1IG6 K . -7.57 8.93 -35.15
C20 A1IG6 K . -7.79 8.73 -36.59
C21 A1IG6 K . -6.46 9.16 -36.10
C22 A1IG6 K . -10.16 8.86 -34.03
C23 A1IG6 K . -13.78 5.96 -33.17
C25 A1IG6 K . -14.92 5.44 -32.63
C26 A1IG6 K . -15.69 6.24 -31.78
O1 A1IG6 K . -16.83 10.41 -29.93
C2 A1IG6 K . -16.37 9.70 -30.82
N3 A1IG6 K . -15.95 8.42 -30.64
C4 A1IG6 K . -15.25 7.55 -31.49
C5 A1IG6 K . -14.08 8.02 -32.06
C6 A1IG6 K . -13.33 7.24 -32.92
N7 A1IG6 K . -12.17 7.69 -33.58
C8 A1IG6 K . -11.44 8.84 -33.42
N9 A1IG6 K . -11.95 9.87 -32.76
C11 A1IG6 K . -11.43 12.25 -32.21
N15 A1IG6 K . -9.38 12.29 -33.20
N16 A1IG6 K . -9.94 11.04 -33.30
C17 A1IG6 K . -9.39 9.98 -33.98
N18 A1IG6 K . -8.19 10.10 -34.51
F24 A1IG6 K . -13.05 5.19 -34.00
N27 A1IG6 K . -16.90 5.74 -31.28
C28 A1IG6 K . -18.17 6.47 -31.40
C29 A1IG6 K . -18.92 6.44 -30.09
N30 A1IG6 K . -20.17 7.32 -30.18
C31 A1IG6 K . -21.33 7.18 -29.25
C32 A1IG6 K . -19.14 5.01 -29.62
C33 A1IG6 K . -17.80 4.30 -29.45
C34 A1IG6 K . -16.97 4.38 -30.73
C35 A1IG6 K . -16.28 10.19 -32.25
C36 A1IG6 K . -16.22 11.72 -32.36
S SO4 L . 30.41 -21.84 35.82
O1 SO4 L . 31.75 -21.41 36.12
O2 SO4 L . 29.89 -22.60 36.93
O3 SO4 L . 29.57 -20.68 35.60
O4 SO4 L . 30.41 -22.64 34.62
S SO4 M . -13.77 -3.85 12.75
O1 SO4 M . -13.06 -2.63 12.43
O2 SO4 M . -14.64 -4.22 11.65
O3 SO4 M . -12.80 -4.90 12.96
O4 SO4 M . -14.51 -3.65 13.97
S SO4 N . 13.55 -20.12 26.87
O1 SO4 N . 14.72 -20.52 27.60
O2 SO4 N . 13.85 -19.94 25.48
O3 SO4 N . 12.57 -21.17 27.02
O4 SO4 N . 13.04 -18.89 27.39
C10 A1IG6 O . 23.82 -0.45 27.31
C12 A1IG6 O . 24.42 -2.76 26.49
N13 A1IG6 O . 24.20 -3.87 26.35
C14 A1IG6 O . 25.59 -0.55 25.95
C19 A1IG6 O . 23.65 4.37 27.82
C20 A1IG6 O . 24.11 4.99 29.10
C21 A1IG6 O . 24.36 5.67 27.80
C22 A1IG6 O . 22.74 1.76 28.39
C23 A1IG6 O . 19.39 -0.56 30.72
C25 A1IG6 O . 18.45 -1.52 31.04
C26 A1IG6 O . 18.56 -2.80 30.48
O1 A1IG6 O . 20.85 -5.92 27.79
C2 A1IG6 O . 20.75 -5.13 28.73
N3 A1IG6 O . 19.71 -4.28 28.88
C4 A1IG6 O . 19.63 -3.07 29.60
C5 A1IG6 O . 20.56 -2.07 29.31
C6 A1IG6 O . 20.44 -0.80 29.87
N7 A1IG6 O . 21.27 0.31 29.57
C8 A1IG6 O . 22.26 0.46 28.64
N9 A1IG6 O . 22.78 -0.63 28.11
C11 A1IG6 O . 24.63 -1.35 26.60
N15 A1IG6 O . 25.43 0.75 26.19
N16 A1IG6 O . 24.34 0.80 27.03
C17 A1IG6 O . 23.81 1.95 27.56
N18 A1IG6 O . 24.34 3.17 27.31
F24 A1IG6 O . 19.27 0.68 31.24
N27 A1IG6 O . 17.67 -3.86 30.87
C28 A1IG6 O . 18.13 -5.13 31.44
C29 A1IG6 O . 17.41 -6.31 30.77
N30 A1IG6 O . 17.97 -7.67 31.32
C31 A1IG6 O . 17.08 -8.76 31.86
C32 A1IG6 O . 15.91 -6.14 30.84
C33 A1IG6 O . 15.49 -4.82 30.20
C34 A1IG6 O . 16.22 -3.66 30.85
C35 A1IG6 O . 21.83 -4.99 29.78
C36 A1IG6 O . 23.14 -4.59 29.21
S SO4 P . 5.15 -3.79 -4.87
O1 SO4 P . 5.52 -3.68 -6.27
O2 SO4 P . 4.38 -2.65 -4.49
O3 SO4 P . 6.34 -3.82 -4.08
O4 SO4 P . 4.37 -5.01 -4.65
S SO4 Q . -4.58 5.51 15.58
O1 SO4 Q . -4.29 5.45 16.99
O2 SO4 Q . -5.43 6.64 15.32
O3 SO4 Q . -3.36 5.65 14.83
O4 SO4 Q . -5.26 4.30 15.18
S SO4 R . -10.50 0.51 5.52
O1 SO4 R . -11.67 0.27 6.33
O2 SO4 R . -10.76 1.62 4.63
O3 SO4 R . -9.38 0.80 6.36
O4 SO4 R . -10.21 -0.67 4.74
S SO4 S . 4.33 -14.48 28.37
O1 SO4 S . 4.22 -15.55 29.34
O2 SO4 S . 4.01 -13.22 29.03
O3 SO4 S . 5.67 -14.43 27.84
O4 SO4 S . 3.40 -14.72 27.30
#